data_2JLE
#
_entry.id   2JLE
#
_cell.length_a   117.200
_cell.length_b   154.600
_cell.length_c   155.000
_cell.angle_alpha   90.00
_cell.angle_beta   90.00
_cell.angle_gamma   90.00
#
_symmetry.space_group_name_H-M   'C 2 2 21'
#
loop_
_entity.id
_entity.type
_entity.pdbx_description
1 polymer 'REVERSE TRANSCRIPTASE/RNASEH'
2 non-polymer 5-[(5-fluoro-3-methyl-1H-indazol-4-yl)oxy]benzene-1,3-dicarbonitrile
3 water water
#
_entity_poly.entity_id   1
_entity_poly.type   'polypeptide(L)'
_entity_poly.pdbx_seq_one_letter_code
;PISPIETVPVKLKPGMDGPKVKQWPLTEEKIKALVEICTEMEKEGKISKIGPENPYNTPVFAIKKKDSTKWRKLVDFREL
NKRTQDFWEVQLGIPHPAGLKKKKSVTVLDVGDAYFSVPLDEDFRKYTAFTIPSINNETPGIRYQYNVLPQGWKGSPAIF
QSSMTKILEPFRKQNPDIVIYQYMDDLYVGSDLEIGQHRTKIEELRQHLLRWGLTTPDKKHQKEPPFLWMGYELHPDKWT
VQPIVLPEKDSWTVNDIQKLVGKLNWASQIYPGIKVRQLCKLLRGTKALTEVIPLTEEAELELAENREILKEPVHGVYYD
PSKDLIAEIQKQGQGQWTYQIYQEPFKNLKTGKYARMRGAHTNDVKQLTEAVQKITTESIVIWGKTPKFKLPIQKETWET
WWTEYWQATWIPEWEFVNTPPLVKLWYQLEKEPIVGAETFYVDGAANRETKLGKAGYVTNRGRQKVVTLTDTTNQKTELQ
AIYLALQDSGLEVNIVTDSQYALGIIQAQPDQSESELVNQIIEQLIKKEKVYLAWVPAHKGIGGNEQVDKLVSAGIRKVL
FLDGID
;
_entity_poly.pdbx_strand_id   A,B
#
loop_
_chem_comp.id
_chem_comp.type
_chem_comp.name
_chem_comp.formula
I15 non-polymer 5-[(5-fluoro-3-methyl-1H-indazol-4-yl)oxy]benzene-1,3-dicarbonitrile 'C16 H9 F N4 O'
#
# COMPACT_ATOMS: atom_id res chain seq x y z
N PRO A 1 -20.90 22.28 30.83
CA PRO A 1 -22.05 21.40 30.85
C PRO A 1 -21.72 19.93 30.91
N ILE A 2 -22.48 19.14 30.19
CA ILE A 2 -22.32 17.72 30.16
C ILE A 2 -23.33 17.29 29.10
N SER A 3 -22.92 17.41 27.84
CA SER A 3 -23.71 16.97 26.69
C SER A 3 -24.78 15.95 27.07
N PRO A 4 -25.98 16.12 26.48
CA PRO A 4 -27.11 15.24 26.67
C PRO A 4 -26.93 14.01 25.80
N ILE A 5 -25.98 14.11 24.88
CA ILE A 5 -25.69 13.10 23.86
C ILE A 5 -25.75 11.68 24.44
N GLU A 6 -26.04 10.66 23.65
CA GLU A 6 -26.06 9.29 24.22
C GLU A 6 -24.68 9.05 24.89
N THR A 7 -24.48 7.91 25.56
CA THR A 7 -23.13 7.62 26.06
C THR A 7 -22.66 6.62 25.05
N VAL A 8 -21.34 6.42 24.95
CA VAL A 8 -20.82 5.36 24.07
C VAL A 8 -20.42 4.32 25.08
N PRO A 9 -20.85 3.07 24.87
CA PRO A 9 -20.75 1.79 25.54
C PRO A 9 -19.34 1.31 25.50
N VAL A 10 -18.63 1.57 26.59
CA VAL A 10 -17.25 1.19 26.75
C VAL A 10 -17.14 -0.13 27.52
N LYS A 11 -16.19 -0.97 27.12
CA LYS A 11 -16.00 -2.24 27.83
C LYS A 11 -14.50 -2.51 28.05
N LEU A 12 -14.17 -3.51 28.84
CA LEU A 12 -12.80 -3.83 29.13
C LEU A 12 -12.23 -4.91 28.21
N LYS A 13 -10.93 -4.88 27.93
CA LYS A 13 -10.38 -5.95 27.12
C LYS A 13 -10.68 -7.23 27.87
N PRO A 14 -11.40 -8.16 27.24
CA PRO A 14 -11.85 -9.54 27.45
C PRO A 14 -11.43 -10.28 28.70
N GLY A 15 -10.22 -10.82 28.70
CA GLY A 15 -9.82 -11.62 29.84
C GLY A 15 -9.64 -10.80 31.12
N MET A 16 -10.26 -9.62 31.15
CA MET A 16 -9.98 -8.68 32.20
C MET A 16 -11.05 -8.26 33.21
N ASP A 17 -10.77 -7.16 33.91
CA ASP A 17 -11.63 -6.61 34.96
C ASP A 17 -10.96 -5.33 35.54
N GLY A 18 -11.78 -4.42 36.09
CA GLY A 18 -11.35 -3.13 36.61
C GLY A 18 -10.04 -3.18 37.35
N PRO A 19 -9.27 -2.08 37.31
CA PRO A 19 -8.00 -2.12 38.01
C PRO A 19 -8.28 -1.98 39.49
N LYS A 20 -7.40 -2.52 40.33
CA LYS A 20 -7.55 -2.39 41.77
C LYS A 20 -6.19 -1.97 42.35
N VAL A 21 -5.84 -0.71 42.05
CA VAL A 21 -4.54 -0.16 42.42
C VAL A 21 -4.54 0.66 43.68
N LYS A 22 -3.51 0.45 44.50
CA LYS A 22 -3.47 1.04 45.82
C LYS A 22 -2.96 2.45 45.88
N GLN A 23 -3.63 3.24 46.72
CA GLN A 23 -3.33 4.66 46.96
C GLN A 23 -2.15 4.82 47.90
N TRP A 24 -0.96 5.17 47.39
CA TRP A 24 0.15 5.42 48.30
C TRP A 24 -0.34 6.62 49.12
N PRO A 25 0.11 6.77 50.39
CA PRO A 25 -0.50 7.90 51.11
C PRO A 25 -0.06 9.31 50.64
N LEU A 26 -0.94 10.31 50.86
CA LEU A 26 -0.69 11.68 50.40
C LEU A 26 -0.42 12.75 51.47
N THR A 27 0.43 13.72 51.13
CA THR A 27 0.78 14.86 51.97
C THR A 27 -0.48 15.60 52.42
N GLU A 28 -0.51 16.06 53.67
CA GLU A 28 -1.71 16.71 54.21
C GLU A 28 -2.16 17.78 53.22
N GLU A 29 -1.15 18.47 52.72
CA GLU A 29 -1.27 19.52 51.75
C GLU A 29 -2.03 19.17 50.45
N LYS A 30 -1.55 18.12 49.77
CA LYS A 30 -2.15 17.67 48.52
C LYS A 30 -3.51 17.07 48.82
N ILE A 31 -3.64 16.45 49.99
CA ILE A 31 -4.92 15.86 50.33
C ILE A 31 -5.93 17.00 50.33
N LYS A 32 -5.62 18.11 51.03
CA LYS A 32 -6.58 19.24 51.11
C LYS A 32 -7.01 19.72 49.74
N ALA A 33 -6.02 19.90 48.87
CA ALA A 33 -6.24 20.34 47.48
C ALA A 33 -7.11 19.34 46.69
N LEU A 34 -6.74 18.06 46.66
CA LEU A 34 -7.54 17.06 45.93
C LEU A 34 -8.96 17.22 46.35
N VAL A 35 -9.13 17.43 47.67
CA VAL A 35 -10.45 17.57 48.28
C VAL A 35 -11.20 18.81 47.81
N GLU A 36 -10.47 19.88 47.50
CA GLU A 36 -11.14 21.08 46.99
C GLU A 36 -11.49 20.81 45.55
N ILE A 37 -10.49 20.44 44.75
CA ILE A 37 -10.68 20.04 43.38
C ILE A 37 -11.92 19.10 43.26
N CYS A 38 -11.93 17.99 43.99
CA CYS A 38 -13.04 17.03 43.87
C CYS A 38 -14.37 17.61 44.24
N THR A 39 -14.36 18.54 45.17
CA THR A 39 -15.61 19.06 45.63
C THR A 39 -16.28 19.91 44.52
N GLU A 40 -15.49 20.75 43.83
CA GLU A 40 -16.04 21.54 42.71
C GLU A 40 -16.50 20.60 41.59
N MET A 41 -15.56 19.82 41.08
CA MET A 41 -15.83 18.78 40.13
C MET A 41 -17.12 18.09 40.41
N GLU A 42 -17.32 17.66 41.67
CA GLU A 42 -18.53 16.92 42.09
C GLU A 42 -19.78 17.75 41.92
N LYS A 43 -19.64 19.04 42.30
CA LYS A 43 -20.71 20.05 42.28
C LYS A 43 -21.16 20.35 40.85
N GLU A 44 -20.25 20.08 39.92
CA GLU A 44 -20.48 20.28 38.50
C GLU A 44 -20.96 19.02 37.77
N GLY A 45 -21.16 17.91 38.50
CA GLY A 45 -21.65 16.64 37.96
C GLY A 45 -20.58 15.81 37.29
N LYS A 46 -19.33 16.31 37.33
CA LYS A 46 -18.14 15.69 36.69
C LYS A 46 -17.71 14.40 37.38
N ILE A 47 -17.99 14.29 38.68
CA ILE A 47 -17.68 13.09 39.46
C ILE A 47 -18.79 12.85 40.47
N SER A 48 -18.73 11.72 41.14
CA SER A 48 -19.74 11.43 42.14
C SER A 48 -19.22 10.48 43.19
N LYS A 49 -19.55 10.78 44.46
CA LYS A 49 -19.15 9.97 45.65
C LYS A 49 -19.49 8.46 45.53
N ILE A 50 -18.76 7.56 46.21
CA ILE A 50 -19.13 6.13 46.07
C ILE A 50 -19.14 5.16 47.27
N GLY A 51 -19.83 4.02 47.12
CA GLY A 51 -19.88 2.95 48.12
C GLY A 51 -18.47 2.38 48.40
N PRO A 52 -18.34 1.62 49.51
CA PRO A 52 -17.04 0.99 49.88
C PRO A 52 -17.02 -0.28 49.03
N GLU A 53 -18.20 -0.50 48.47
CA GLU A 53 -18.54 -1.60 47.59
C GLU A 53 -17.60 -1.79 46.40
N ASN A 54 -17.57 -0.78 45.53
CA ASN A 54 -16.73 -0.75 44.31
C ASN A 54 -15.29 -1.03 44.67
N PRO A 55 -14.72 -2.16 44.15
CA PRO A 55 -13.38 -2.73 44.39
C PRO A 55 -12.23 -2.04 43.67
N TYR A 56 -12.58 -1.40 42.57
CA TYR A 56 -11.64 -0.67 41.73
C TYR A 56 -10.98 0.57 42.40
N ASN A 57 -9.91 1.03 41.79
CA ASN A 57 -9.20 2.18 42.29
C ASN A 57 -7.97 2.40 41.41
N THR A 58 -7.86 3.62 40.90
CA THR A 58 -6.73 4.01 40.09
C THR A 58 -6.30 5.23 40.90
N PRO A 59 -5.00 5.29 41.26
CA PRO A 59 -4.39 6.31 42.11
C PRO A 59 -4.54 7.78 41.64
N VAL A 60 -4.60 8.72 42.63
CA VAL A 60 -4.65 10.18 42.38
C VAL A 60 -3.35 10.80 42.87
N PHE A 61 -2.97 11.94 42.29
CA PHE A 61 -1.82 12.69 42.70
C PHE A 61 -2.24 14.16 42.53
N ALA A 62 -1.38 15.11 42.91
CA ALA A 62 -1.71 16.53 42.78
C ALA A 62 -0.44 17.27 42.58
N ILE A 63 -0.30 18.00 41.48
CA ILE A 63 0.92 18.76 41.29
C ILE A 63 0.67 20.27 41.25
N LYS A 64 1.61 21.06 41.76
CA LYS A 64 1.48 22.52 41.74
C LYS A 64 1.84 23.27 40.43
N LYS A 65 3.13 23.53 40.18
CA LYS A 65 4.27 23.18 41.05
C LYS A 65 5.45 24.21 41.05
N LYS A 66 5.23 25.40 40.47
CA LYS A 66 6.27 26.46 40.40
C LYS A 66 5.55 27.80 40.32
N ASP A 67 5.50 28.34 39.11
CA ASP A 67 4.69 29.51 38.88
C ASP A 67 3.33 28.92 38.58
N SER A 68 2.64 28.59 39.67
CA SER A 68 1.32 28.01 39.62
C SER A 68 0.53 28.47 40.85
N THR A 69 0.94 28.00 42.05
CA THR A 69 0.24 28.24 43.33
C THR A 69 -1.23 27.83 43.34
N LYS A 70 -1.62 27.20 42.23
CA LYS A 70 -2.91 26.58 42.05
C LYS A 70 -2.51 25.24 41.44
N TRP A 71 -3.02 24.16 42.00
CA TRP A 71 -2.71 22.86 41.52
C TRP A 71 -3.88 22.18 40.90
N ARG A 72 -3.56 21.03 40.30
CA ARG A 72 -4.53 20.24 39.60
C ARG A 72 -4.41 18.79 39.94
N LYS A 73 -5.55 18.12 39.83
CA LYS A 73 -5.63 16.71 40.07
C LYS A 73 -5.08 15.90 38.88
N LEU A 74 -4.09 15.05 39.17
CA LEU A 74 -3.50 14.16 38.19
C LEU A 74 -3.89 12.69 38.48
N VAL A 75 -4.50 12.00 37.51
CA VAL A 75 -4.91 10.58 37.69
C VAL A 75 -4.10 9.54 36.87
N ASP A 76 -3.63 8.49 37.55
CA ASP A 76 -2.89 7.47 36.86
C ASP A 76 -3.82 6.48 36.28
N PHE A 77 -4.22 6.75 35.04
CA PHE A 77 -5.06 5.86 34.29
C PHE A 77 -4.30 4.69 33.65
N ARG A 78 -2.97 4.68 33.82
CA ARG A 78 -2.02 3.64 33.37
C ARG A 78 -2.52 2.19 33.41
N GLU A 79 -2.95 1.72 34.57
CA GLU A 79 -3.46 0.38 34.56
C GLU A 79 -4.76 0.37 33.78
N LEU A 80 -5.82 1.02 34.25
CA LEU A 80 -7.10 1.10 33.54
C LEU A 80 -6.93 1.21 32.02
N ASN A 81 -5.83 1.85 31.61
CA ASN A 81 -5.55 1.93 30.18
C ASN A 81 -5.07 0.58 29.58
N LYS A 82 -4.24 -0.17 30.30
CA LYS A 82 -3.87 -1.53 29.85
C LYS A 82 -5.11 -2.52 29.84
N ARG A 83 -6.28 -2.07 30.28
CA ARG A 83 -7.40 -2.99 30.32
C ARG A 83 -8.66 -2.56 29.59
N THR A 84 -8.68 -1.30 29.16
CA THR A 84 -9.79 -0.76 28.38
C THR A 84 -9.67 -1.33 26.94
N GLN A 85 -10.79 -1.69 26.35
CA GLN A 85 -10.77 -2.22 25.00
C GLN A 85 -10.07 -1.27 24.03
N ASP A 86 -9.84 -1.80 22.84
CA ASP A 86 -9.22 -1.04 21.75
C ASP A 86 -10.27 -0.21 21.06
N PHE A 87 -9.88 0.98 20.59
CA PHE A 87 -10.83 1.92 19.96
C PHE A 87 -10.42 2.24 18.56
N TRP A 88 -11.33 2.89 17.84
CA TRP A 88 -11.00 3.31 16.52
C TRP A 88 -10.22 4.62 16.36
N GLU A 89 -9.03 4.56 15.77
CA GLU A 89 -8.28 5.79 15.51
C GLU A 89 -8.99 6.67 14.45
N VAL A 90 -10.28 6.96 14.62
CA VAL A 90 -11.04 7.66 13.56
C VAL A 90 -10.45 8.89 12.82
N GLN A 91 -9.20 9.26 13.12
CA GLN A 91 -8.48 10.28 12.32
C GLN A 91 -7.09 9.82 11.77
N LEU A 92 -7.18 9.09 10.65
CA LEU A 92 -6.08 8.54 9.85
C LEU A 92 -5.05 9.51 9.23
N GLY A 93 -5.20 10.82 9.39
CA GLY A 93 -4.31 11.84 8.83
C GLY A 93 -4.88 13.21 9.20
N ILE A 94 -4.03 14.23 9.37
CA ILE A 94 -4.49 15.58 9.79
C ILE A 94 -4.31 16.66 8.73
N PRO A 95 -5.37 17.45 8.51
CA PRO A 95 -5.47 18.39 7.41
C PRO A 95 -4.18 19.13 7.10
N HIS A 96 -3.84 19.20 5.82
CA HIS A 96 -2.68 19.90 5.40
C HIS A 96 -3.21 21.23 4.98
N PRO A 97 -2.50 22.33 5.33
CA PRO A 97 -2.94 23.66 4.92
C PRO A 97 -3.25 23.73 3.41
N ALA A 98 -2.50 23.03 2.55
CA ALA A 98 -2.67 23.11 1.08
C ALA A 98 -3.92 22.45 0.46
N GLY A 99 -4.75 21.89 1.33
CA GLY A 99 -6.01 21.24 0.95
C GLY A 99 -7.18 22.01 1.59
N LEU A 100 -6.88 23.06 2.38
CA LEU A 100 -7.93 23.86 3.04
C LEU A 100 -8.52 24.59 1.86
N LYS A 101 -9.84 24.49 1.65
CA LYS A 101 -10.45 25.11 0.47
C LYS A 101 -10.32 26.60 0.64
N LYS A 102 -10.15 27.34 -0.45
CA LYS A 102 -10.01 28.77 -0.31
C LYS A 102 -11.41 29.30 -0.05
N LYS A 103 -11.66 29.51 1.24
CA LYS A 103 -12.96 29.97 1.76
C LYS A 103 -13.08 31.46 2.06
N LYS A 104 -14.16 32.04 1.55
CA LYS A 104 -14.51 33.44 1.75
C LYS A 104 -14.35 33.79 3.24
N SER A 105 -15.27 33.28 4.05
CA SER A 105 -15.24 33.53 5.49
C SER A 105 -14.98 32.27 6.37
N VAL A 106 -14.00 32.41 7.28
CA VAL A 106 -13.55 31.31 8.16
C VAL A 106 -13.66 31.64 9.67
N THR A 107 -14.20 30.70 10.42
CA THR A 107 -14.42 30.90 11.85
C THR A 107 -13.70 29.81 12.65
N VAL A 108 -13.12 30.17 13.80
CA VAL A 108 -12.42 29.18 14.64
C VAL A 108 -13.04 28.97 16.04
N LEU A 109 -13.65 27.81 16.26
CA LEU A 109 -14.26 27.52 17.55
C LEU A 109 -13.60 26.41 18.33
N ASP A 110 -13.05 26.76 19.49
CA ASP A 110 -12.50 25.77 20.40
C ASP A 110 -13.45 25.48 21.59
N VAL A 111 -14.02 24.28 21.60
CA VAL A 111 -14.86 23.82 22.69
C VAL A 111 -14.17 24.08 24.03
N GLY A 112 -14.92 24.41 25.07
CA GLY A 112 -14.33 24.60 26.40
C GLY A 112 -14.68 23.36 27.24
N ASP A 113 -13.72 22.92 28.08
CA ASP A 113 -13.85 21.71 28.90
C ASP A 113 -14.36 20.55 28.09
N ALA A 114 -13.60 20.17 27.09
CA ALA A 114 -14.08 19.21 26.13
C ALA A 114 -14.48 17.80 26.61
N TYR A 115 -13.57 17.10 27.27
CA TYR A 115 -13.88 15.75 27.75
C TYR A 115 -14.86 15.85 28.91
N PHE A 116 -14.83 16.96 29.63
CA PHE A 116 -15.67 17.09 30.80
C PHE A 116 -17.16 17.31 30.50
N SER A 117 -17.43 17.84 29.30
CA SER A 117 -18.78 18.05 28.82
C SER A 117 -19.34 16.85 28.06
N VAL A 118 -18.85 15.63 28.28
CA VAL A 118 -19.36 14.43 27.57
C VAL A 118 -19.57 13.27 28.54
N PRO A 119 -20.79 12.75 28.62
CA PRO A 119 -21.07 11.58 29.48
C PRO A 119 -20.16 10.35 29.24
N LEU A 120 -20.07 9.51 30.27
CA LEU A 120 -19.30 8.27 30.17
C LEU A 120 -20.22 7.12 30.56
N ASP A 121 -20.38 6.17 29.65
CA ASP A 121 -21.15 4.95 29.84
C ASP A 121 -21.23 4.54 31.26
N GLU A 122 -22.46 4.60 31.80
CA GLU A 122 -22.82 4.20 33.15
C GLU A 122 -22.09 2.95 33.59
N ASP A 123 -22.35 1.85 32.90
CA ASP A 123 -21.77 0.61 33.33
C ASP A 123 -20.25 0.60 33.41
N PHE A 124 -19.63 1.73 33.06
CA PHE A 124 -18.17 1.87 33.06
C PHE A 124 -17.64 2.86 34.06
N ARG A 125 -18.49 3.73 34.58
CA ARG A 125 -18.02 4.73 35.54
C ARG A 125 -17.27 3.99 36.64
N LYS A 126 -17.92 2.90 37.05
CA LYS A 126 -17.41 2.05 38.10
C LYS A 126 -15.89 1.83 38.12
N TYR A 127 -15.28 1.64 36.95
CA TYR A 127 -13.85 1.35 36.81
C TYR A 127 -12.86 2.46 37.03
N THR A 128 -13.39 3.68 36.94
CA THR A 128 -12.65 4.95 36.94
C THR A 128 -12.52 5.57 38.30
N ALA A 129 -12.63 4.73 39.35
CA ALA A 129 -12.65 5.16 40.75
C ALA A 129 -11.27 5.46 41.24
N PHE A 130 -11.16 6.51 42.04
CA PHE A 130 -9.89 6.94 42.65
C PHE A 130 -10.28 7.23 44.09
N THR A 131 -9.32 7.46 44.97
CA THR A 131 -9.65 7.64 46.37
C THR A 131 -8.76 8.73 46.97
N ILE A 132 -9.36 9.75 47.62
CA ILE A 132 -8.55 10.77 48.31
C ILE A 132 -8.27 10.17 49.69
N PRO A 133 -7.01 9.78 49.94
CA PRO A 133 -6.73 9.15 51.24
C PRO A 133 -6.77 10.15 52.44
N SER A 134 -7.06 9.60 53.64
CA SER A 134 -7.10 10.33 54.93
C SER A 134 -5.69 10.45 55.49
N ILE A 135 -5.34 11.62 56.06
CA ILE A 135 -3.94 11.95 56.48
C ILE A 135 -2.83 10.85 56.58
N ASN A 136 -3.08 9.80 57.38
CA ASN A 136 -2.10 8.71 57.50
C ASN A 136 -2.73 7.46 56.94
N ASN A 137 -3.56 7.62 55.91
CA ASN A 137 -4.33 6.52 55.31
C ASN A 137 -4.97 5.75 56.49
N GLU A 138 -5.21 6.53 57.56
CA GLU A 138 -5.79 6.11 58.84
C GLU A 138 -7.21 5.68 58.60
N THR A 139 -8.05 6.69 58.41
CA THR A 139 -9.45 6.42 58.10
C THR A 139 -9.54 5.77 56.71
N PRO A 140 -10.67 5.97 56.04
CA PRO A 140 -10.82 5.42 54.68
C PRO A 140 -10.96 6.63 53.78
N GLY A 141 -10.33 6.62 52.60
CA GLY A 141 -10.39 7.78 51.72
C GLY A 141 -11.77 8.20 51.22
N ILE A 142 -11.88 9.39 50.64
CA ILE A 142 -13.16 9.78 50.02
C ILE A 142 -13.11 9.15 48.65
N ARG A 143 -14.18 8.50 48.24
CA ARG A 143 -14.06 7.81 46.99
C ARG A 143 -14.97 8.32 45.91
N TYR A 144 -14.42 8.42 44.71
CA TYR A 144 -15.17 8.91 43.57
C TYR A 144 -15.07 8.05 42.33
N GLN A 145 -15.90 8.38 41.35
CA GLN A 145 -15.86 7.74 40.05
C GLN A 145 -16.40 8.81 39.09
N TYR A 146 -15.89 8.77 37.86
CA TYR A 146 -16.22 9.79 36.89
C TYR A 146 -17.57 9.64 36.28
N ASN A 147 -18.14 10.75 35.82
CA ASN A 147 -19.43 10.68 35.14
C ASN A 147 -19.14 11.15 33.74
N VAL A 148 -17.94 11.69 33.54
CA VAL A 148 -17.51 12.25 32.25
C VAL A 148 -16.28 11.57 31.66
N LEU A 149 -15.76 12.14 30.58
CA LEU A 149 -14.57 11.58 29.96
C LEU A 149 -13.33 11.94 30.80
N PRO A 150 -12.74 10.94 31.49
CA PRO A 150 -11.58 11.39 32.24
C PRO A 150 -10.46 11.88 31.31
N GLN A 151 -9.75 12.91 31.73
CA GLN A 151 -8.62 13.33 30.92
C GLN A 151 -7.58 12.19 31.11
N GLY A 152 -6.61 12.01 30.23
CA GLY A 152 -5.64 10.94 30.33
C GLY A 152 -6.14 9.53 30.00
N TRP A 153 -7.46 9.30 30.06
CA TRP A 153 -8.04 7.99 29.77
C TRP A 153 -8.04 7.57 28.31
N LYS A 154 -7.92 6.26 28.10
CA LYS A 154 -7.85 5.69 26.76
C LYS A 154 -8.79 6.13 25.71
N GLY A 155 -10.06 6.08 26.03
CA GLY A 155 -11.08 6.24 25.01
C GLY A 155 -11.70 7.59 24.99
N SER A 156 -11.12 8.53 25.70
CA SER A 156 -11.66 9.87 25.73
C SER A 156 -11.52 10.52 24.37
N PRO A 157 -10.31 10.47 23.75
CA PRO A 157 -10.16 11.09 22.42
C PRO A 157 -11.17 10.54 21.45
N ALA A 158 -11.19 9.20 21.35
CA ALA A 158 -12.12 8.49 20.46
C ALA A 158 -13.57 8.87 20.71
N ILE A 159 -13.98 8.81 21.99
CA ILE A 159 -15.36 9.11 22.42
C ILE A 159 -15.75 10.60 22.24
N PHE A 160 -14.90 11.55 22.65
CA PHE A 160 -15.25 12.94 22.44
C PHE A 160 -15.55 13.18 20.99
N GLN A 161 -14.91 12.40 20.12
CA GLN A 161 -15.09 12.60 18.70
C GLN A 161 -16.45 12.18 18.20
N SER A 162 -16.85 10.92 18.41
CA SER A 162 -18.16 10.45 17.94
C SER A 162 -19.17 11.40 18.49
N SER A 163 -19.00 11.66 19.78
CA SER A 163 -19.89 12.58 20.45
C SER A 163 -20.12 13.91 19.69
N MET A 164 -19.07 14.50 19.14
CA MET A 164 -19.15 15.76 18.34
C MET A 164 -19.55 15.53 16.90
N THR A 165 -19.18 14.36 16.40
CA THR A 165 -19.55 13.99 15.03
C THR A 165 -21.07 14.09 15.06
N LYS A 166 -21.71 13.13 15.77
CA LYS A 166 -23.18 13.10 15.93
C LYS A 166 -23.81 14.48 16.17
N ILE A 167 -23.27 15.25 17.09
CA ILE A 167 -23.84 16.56 17.36
C ILE A 167 -23.84 17.38 16.08
N LEU A 168 -22.68 17.47 15.45
CA LEU A 168 -22.57 18.28 14.26
C LEU A 168 -23.42 17.75 13.14
N GLU A 169 -23.72 16.45 13.13
CA GLU A 169 -24.48 15.93 12.01
C GLU A 169 -25.57 16.77 11.41
N PRO A 170 -26.82 16.68 11.91
CA PRO A 170 -27.92 17.42 11.28
C PRO A 170 -27.63 18.92 11.07
N PHE A 171 -26.46 19.40 11.48
CA PHE A 171 -26.20 20.79 11.20
C PHE A 171 -25.69 20.78 9.78
N ARG A 172 -24.57 20.09 9.57
CA ARG A 172 -23.90 19.98 8.24
C ARG A 172 -25.00 19.71 7.23
N LYS A 173 -25.70 18.58 7.39
CA LYS A 173 -26.85 18.18 6.57
C LYS A 173 -27.66 19.40 6.14
N GLN A 174 -28.25 20.10 7.08
CA GLN A 174 -28.94 21.31 6.68
C GLN A 174 -28.04 22.53 6.70
N ASN A 175 -26.97 22.44 5.92
CA ASN A 175 -25.96 23.49 5.84
C ASN A 175 -24.68 22.99 5.14
N PRO A 176 -24.83 22.20 4.06
CA PRO A 176 -23.71 21.59 3.31
C PRO A 176 -22.71 22.61 2.73
N ASP A 177 -23.22 23.77 2.39
CA ASP A 177 -22.40 24.87 1.90
C ASP A 177 -21.26 25.15 2.93
N ILE A 178 -21.45 24.65 4.17
CA ILE A 178 -20.53 24.90 5.30
C ILE A 178 -19.54 23.79 5.63
N VAL A 179 -18.26 24.19 5.72
CA VAL A 179 -17.11 23.31 5.94
C VAL A 179 -16.65 23.24 7.41
N ILE A 180 -16.80 22.09 8.03
CA ILE A 180 -16.41 22.00 9.41
C ILE A 180 -15.20 21.07 9.61
N TYR A 181 -14.03 21.64 9.80
CA TYR A 181 -12.93 20.74 9.99
C TYR A 181 -12.96 20.41 11.46
N GLN A 182 -13.17 19.13 11.78
CA GLN A 182 -13.17 18.68 13.18
C GLN A 182 -11.77 18.21 13.59
N TYR A 183 -10.98 19.03 14.30
CA TYR A 183 -9.66 18.57 14.76
C TYR A 183 -9.52 18.58 16.25
N MET A 184 -9.27 17.41 16.81
CA MET A 184 -9.11 17.30 18.27
C MET A 184 -10.35 17.86 18.92
N ASP A 185 -10.14 18.92 19.69
CA ASP A 185 -11.27 19.50 20.38
C ASP A 185 -11.51 20.92 19.89
N ASP A 186 -11.39 21.03 18.57
CA ASP A 186 -11.49 22.30 17.86
C ASP A 186 -12.52 22.08 16.82
N LEU A 187 -12.97 23.19 16.29
CA LEU A 187 -13.91 23.18 15.21
C LEU A 187 -13.43 24.38 14.43
N TYR A 188 -13.05 24.14 13.17
CA TYR A 188 -12.68 25.15 12.17
C TYR A 188 -13.79 25.23 11.10
N VAL A 189 -14.68 26.24 11.21
CA VAL A 189 -15.76 26.44 10.23
C VAL A 189 -15.34 27.48 9.19
N GLY A 190 -15.62 27.22 7.91
CA GLY A 190 -15.34 28.12 6.80
C GLY A 190 -16.51 28.03 5.83
N SER A 191 -16.74 29.13 5.10
CA SER A 191 -17.79 29.17 4.06
C SER A 191 -17.61 30.41 3.18
N ASP A 192 -18.21 30.41 1.99
CA ASP A 192 -18.17 31.61 1.14
C ASP A 192 -19.56 32.17 1.31
N LEU A 193 -19.80 32.80 2.49
CA LEU A 193 -21.12 33.36 2.87
C LEU A 193 -21.11 34.86 3.22
N GLU A 194 -19.92 35.43 3.43
CA GLU A 194 -19.78 36.86 3.80
C GLU A 194 -20.11 37.07 5.29
N ILE A 195 -19.35 37.95 5.96
CA ILE A 195 -19.63 38.20 7.38
C ILE A 195 -21.14 38.40 7.68
N GLY A 196 -21.93 38.49 6.60
CA GLY A 196 -23.37 38.55 6.68
C GLY A 196 -23.94 37.26 7.25
N GLN A 197 -24.42 36.36 6.38
CA GLN A 197 -24.96 35.09 6.86
C GLN A 197 -23.85 34.20 7.42
N HIS A 198 -22.64 34.75 7.51
CA HIS A 198 -21.54 33.96 8.05
C HIS A 198 -21.50 34.02 9.58
N ARG A 199 -21.17 35.20 10.12
CA ARG A 199 -21.11 35.42 11.57
C ARG A 199 -22.48 35.27 12.23
N THR A 200 -23.42 34.81 11.41
CA THR A 200 -24.81 34.59 11.77
C THR A 200 -25.09 33.10 11.54
N LYS A 201 -24.23 32.47 10.73
CA LYS A 201 -24.36 31.04 10.50
C LYS A 201 -23.60 30.35 11.62
N ILE A 202 -22.46 30.97 11.97
CA ILE A 202 -21.58 30.53 13.04
C ILE A 202 -22.29 30.57 14.41
N GLU A 203 -23.00 31.67 14.72
CA GLU A 203 -23.74 31.77 16.00
C GLU A 203 -24.93 30.80 16.04
N GLU A 204 -25.32 30.30 14.88
CA GLU A 204 -26.33 29.26 14.77
C GLU A 204 -25.71 27.87 15.07
N LEU A 205 -24.53 27.58 14.48
CA LEU A 205 -23.74 26.34 14.67
C LEU A 205 -23.58 26.18 16.13
N ARG A 206 -22.90 27.17 16.71
CA ARG A 206 -22.71 27.34 18.16
C ARG A 206 -24.03 26.87 18.86
N GLN A 207 -25.04 27.75 18.91
CA GLN A 207 -26.37 27.50 19.49
C GLN A 207 -26.75 26.03 19.49
N HIS A 208 -26.36 25.33 18.43
CA HIS A 208 -26.66 23.91 18.28
C HIS A 208 -25.82 23.07 19.25
N LEU A 209 -24.58 23.48 19.45
CA LEU A 209 -23.68 22.76 20.34
C LEU A 209 -24.13 22.97 21.76
N LEU A 210 -24.35 24.23 22.16
CA LEU A 210 -24.90 24.53 23.50
C LEU A 210 -26.19 23.77 23.82
N ARG A 211 -27.15 23.78 22.90
CA ARG A 211 -28.36 22.98 23.06
C ARG A 211 -27.94 21.53 23.36
N TRP A 212 -26.64 21.26 23.16
CA TRP A 212 -26.03 19.93 23.21
C TRP A 212 -24.87 19.68 24.14
N GLY A 213 -24.64 20.64 25.05
CA GLY A 213 -23.62 20.57 26.09
C GLY A 213 -22.29 21.26 25.84
N LEU A 214 -22.09 21.80 24.64
CA LEU A 214 -20.78 22.37 24.28
C LEU A 214 -20.58 23.91 24.24
N THR A 215 -19.82 24.44 25.19
CA THR A 215 -19.53 25.88 25.23
C THR A 215 -18.57 26.17 24.10
N THR A 216 -18.47 27.45 23.71
CA THR A 216 -17.59 27.91 22.60
C THR A 216 -17.33 29.42 22.78
N PRO A 217 -16.56 30.06 21.85
CA PRO A 217 -16.32 31.50 21.96
C PRO A 217 -17.20 32.45 21.09
N ASP A 218 -17.50 33.62 21.69
CA ASP A 218 -18.28 34.72 21.08
C ASP A 218 -17.35 35.33 20.07
N LYS A 219 -17.88 36.12 19.15
CA LYS A 219 -17.06 36.85 18.20
C LYS A 219 -15.95 37.62 18.93
N LYS A 220 -16.21 37.98 20.18
CA LYS A 220 -15.26 38.76 20.96
C LYS A 220 -14.09 37.86 21.33
N HIS A 221 -14.38 36.58 21.45
CA HIS A 221 -13.36 35.60 21.86
C HIS A 221 -12.76 34.72 20.73
N GLN A 222 -13.60 34.28 19.77
CA GLN A 222 -13.19 33.59 18.55
C GLN A 222 -11.94 34.33 18.08
N LYS A 223 -10.80 33.63 17.95
CA LYS A 223 -9.56 34.28 17.53
C LYS A 223 -9.65 34.77 16.12
N GLU A 224 -8.65 35.56 15.75
CA GLU A 224 -8.51 36.00 14.39
C GLU A 224 -7.08 35.87 13.84
N PRO A 225 -6.94 35.68 12.50
CA PRO A 225 -5.83 35.47 11.55
C PRO A 225 -4.66 36.43 11.73
N PRO A 226 -3.41 35.94 11.52
CA PRO A 226 -3.17 34.54 11.19
C PRO A 226 -3.25 33.65 12.41
N PHE A 227 -3.76 32.44 12.13
CA PHE A 227 -3.90 31.41 13.12
C PHE A 227 -2.59 30.66 13.12
N LEU A 228 -1.86 30.71 14.22
CA LEU A 228 -0.58 30.05 14.33
C LEU A 228 -0.92 28.63 14.71
N TRP A 229 -1.25 27.81 13.72
CA TRP A 229 -1.72 26.45 14.01
C TRP A 229 -0.78 25.31 13.64
N MET A 230 -0.65 24.35 14.55
CA MET A 230 0.08 23.12 14.29
C MET A 230 1.31 23.31 13.41
N GLY A 231 2.19 24.20 13.84
CA GLY A 231 3.41 24.49 13.11
C GLY A 231 3.29 25.40 11.91
N TYR A 232 2.09 25.93 11.63
CA TYR A 232 1.82 26.76 10.44
C TYR A 232 1.17 28.07 10.79
N GLU A 233 1.22 28.96 9.81
CA GLU A 233 0.70 30.31 9.92
C GLU A 233 -0.40 30.50 8.90
N LEU A 234 -1.64 30.44 9.34
CA LEU A 234 -2.75 30.53 8.41
C LEU A 234 -3.40 31.89 8.34
N HIS A 235 -3.40 32.46 7.16
CA HIS A 235 -4.09 33.70 6.91
C HIS A 235 -5.22 33.13 6.10
N PRO A 236 -6.21 33.96 5.76
CA PRO A 236 -7.38 33.52 5.01
C PRO A 236 -7.11 33.23 3.53
N ASP A 237 -6.06 33.85 2.99
CA ASP A 237 -5.74 33.71 1.57
C ASP A 237 -4.39 33.09 1.24
N LYS A 238 -3.58 32.80 2.25
CA LYS A 238 -2.29 32.18 2.04
C LYS A 238 -1.77 31.58 3.35
N TRP A 239 -1.00 30.51 3.24
CA TRP A 239 -0.43 29.85 4.39
C TRP A 239 1.05 29.75 4.09
N THR A 240 1.83 29.45 5.12
CA THR A 240 3.25 29.24 5.05
C THR A 240 3.48 28.42 6.29
N VAL A 241 4.73 28.04 6.45
CA VAL A 241 5.24 27.30 7.59
C VAL A 241 5.45 28.35 8.72
N GLN A 242 5.41 27.95 9.97
CA GLN A 242 5.60 28.93 11.04
C GLN A 242 7.06 29.31 11.11
N PRO A 243 7.35 30.60 11.36
CA PRO A 243 8.68 31.24 11.51
C PRO A 243 9.90 30.32 11.76
N ILE A 244 10.69 30.07 10.73
CA ILE A 244 11.90 29.25 10.92
C ILE A 244 13.22 30.03 11.11
N VAL A 245 14.08 29.48 11.95
CA VAL A 245 15.37 30.10 12.24
C VAL A 245 16.52 29.12 12.42
N LEU A 246 17.46 29.17 11.47
CA LEU A 246 18.65 28.36 11.52
C LEU A 246 19.68 29.07 12.37
N PRO A 247 20.04 28.45 13.51
CA PRO A 247 21.03 28.77 14.55
C PRO A 247 22.40 29.26 14.02
N GLU A 248 22.89 30.31 14.67
CA GLU A 248 24.16 30.95 14.30
C GLU A 248 25.27 30.34 15.14
N LYS A 249 25.30 29.01 15.17
CA LYS A 249 26.25 28.27 15.97
C LYS A 249 27.59 28.01 15.34
N ASP A 250 28.64 28.14 16.16
CA ASP A 250 29.99 27.75 15.75
C ASP A 250 30.39 26.47 16.50
N SER A 251 30.10 25.36 15.80
CA SER A 251 30.24 23.98 16.25
C SER A 251 28.85 23.32 16.44
N TRP A 252 28.58 22.35 15.57
CA TRP A 252 27.31 21.66 15.52
C TRP A 252 27.22 20.30 16.23
N THR A 253 26.28 20.20 17.15
CA THR A 253 26.09 18.94 17.84
C THR A 253 25.10 18.05 17.06
N VAL A 254 25.25 16.75 17.18
CA VAL A 254 24.39 15.80 16.47
C VAL A 254 22.92 16.17 16.61
N ASN A 255 22.53 16.42 17.85
CA ASN A 255 21.21 16.92 18.23
C ASN A 255 20.89 18.08 17.26
N ASP A 256 21.45 19.27 17.53
CA ASP A 256 21.21 20.48 16.73
C ASP A 256 21.30 20.39 15.21
N ILE A 257 21.79 19.26 14.70
CA ILE A 257 21.85 19.04 13.25
C ILE A 257 20.54 18.38 12.92
N GLN A 258 20.12 17.54 13.86
CA GLN A 258 18.86 16.85 13.70
C GLN A 258 17.72 17.82 13.70
N LYS A 259 17.75 18.81 14.59
CA LYS A 259 16.66 19.80 14.63
C LYS A 259 16.66 20.68 13.38
N LEU A 260 17.85 20.88 12.83
CA LEU A 260 18.07 21.69 11.64
C LEU A 260 17.47 20.86 10.53
N VAL A 261 17.82 19.58 10.52
CA VAL A 261 17.33 18.71 9.46
C VAL A 261 15.80 18.56 9.54
N GLY A 262 15.26 18.92 10.69
CA GLY A 262 13.85 18.77 10.95
C GLY A 262 13.10 19.97 10.52
N LYS A 263 13.56 21.12 11.01
CA LYS A 263 13.02 22.41 10.71
C LYS A 263 13.13 22.55 9.25
N LEU A 264 14.23 21.99 8.74
CA LEU A 264 14.61 22.06 7.33
C LEU A 264 13.69 21.31 6.37
N ASN A 265 13.05 20.27 6.87
CA ASN A 265 12.06 19.50 6.14
C ASN A 265 10.69 20.12 6.41
N TRP A 266 10.56 20.97 7.43
CA TRP A 266 9.27 21.55 7.77
C TRP A 266 9.10 22.63 6.73
N ALA A 267 10.09 23.49 6.67
CA ALA A 267 10.13 24.60 5.74
C ALA A 267 10.02 23.94 4.40
N SER A 268 10.67 22.78 4.29
CA SER A 268 10.72 22.08 3.02
C SER A 268 9.47 22.11 2.17
N GLN A 269 8.32 22.19 2.84
CA GLN A 269 6.92 22.10 2.37
C GLN A 269 6.36 23.20 1.50
N ILE A 270 7.02 24.35 1.54
CA ILE A 270 6.54 25.53 0.85
C ILE A 270 7.71 26.33 0.30
N TYR A 271 8.91 26.06 0.84
CA TYR A 271 10.13 26.72 0.41
C TYR A 271 10.75 25.85 -0.62
N PRO A 272 10.55 26.18 -1.92
CA PRO A 272 11.08 25.32 -2.96
C PRO A 272 12.53 25.48 -2.92
N GLY A 273 13.25 24.41 -3.23
CA GLY A 273 14.68 24.53 -3.26
C GLY A 273 15.36 23.66 -2.24
N ILE A 274 14.98 23.83 -0.97
CA ILE A 274 15.58 23.15 0.19
C ILE A 274 16.30 21.79 -0.05
N LYS A 275 17.57 21.74 0.34
CA LYS A 275 18.38 20.52 0.19
C LYS A 275 18.81 20.12 1.59
N VAL A 276 19.00 18.81 1.79
CA VAL A 276 19.21 18.26 3.11
C VAL A 276 20.09 17.01 3.13
N ARG A 277 20.51 16.58 1.94
CA ARG A 277 21.30 15.37 1.72
C ARG A 277 22.67 15.42 2.36
N GLN A 278 23.27 16.60 2.32
CA GLN A 278 24.62 16.83 2.83
C GLN A 278 24.73 16.99 4.35
N LEU A 279 23.67 17.54 4.96
CA LEU A 279 23.61 17.66 6.41
C LEU A 279 23.15 16.33 6.94
N CYS A 280 22.39 15.59 6.14
CA CYS A 280 21.91 14.29 6.61
C CYS A 280 23.00 13.26 6.58
N LYS A 281 24.05 13.45 5.78
CA LYS A 281 25.09 12.41 5.73
C LYS A 281 25.87 12.43 7.05
N LEU A 282 25.96 13.62 7.62
CA LEU A 282 26.58 13.84 8.90
C LEU A 282 25.86 13.01 9.96
N LEU A 283 24.53 12.91 9.84
CA LEU A 283 23.72 12.15 10.81
C LEU A 283 23.88 10.62 10.65
N ARG A 284 25.02 10.11 11.12
CA ARG A 284 25.38 8.68 11.08
C ARG A 284 26.36 8.34 12.24
N GLY A 285 25.87 8.52 13.47
CA GLY A 285 26.59 8.27 14.73
C GLY A 285 27.31 6.94 14.73
N THR A 286 28.02 6.58 15.81
CA THR A 286 28.08 7.30 17.10
C THR A 286 26.75 7.39 17.80
N LYS A 287 26.41 8.64 18.11
CA LYS A 287 25.19 9.00 18.83
C LYS A 287 25.66 10.32 19.38
N ALA A 288 25.15 10.68 20.56
CA ALA A 288 25.52 11.88 21.31
C ALA A 288 24.84 13.13 20.84
N LEU A 289 23.74 13.46 21.49
CA LEU A 289 23.02 14.67 21.19
C LEU A 289 24.01 15.80 21.37
N THR A 290 24.78 15.72 22.47
CA THR A 290 25.82 16.71 22.85
C THR A 290 27.13 16.57 22.07
N GLU A 291 27.17 15.62 21.14
CA GLU A 291 28.34 15.37 20.31
C GLU A 291 28.49 16.39 19.17
N VAL A 292 29.34 17.40 19.36
CA VAL A 292 29.56 18.34 18.29
C VAL A 292 30.43 17.72 17.17
N ILE A 293 29.84 17.74 15.97
CA ILE A 293 30.41 17.13 14.78
C ILE A 293 30.73 18.22 13.72
N PRO A 294 31.88 18.06 13.04
CA PRO A 294 32.44 18.97 12.02
C PRO A 294 31.64 18.94 10.71
N LEU A 295 31.26 20.11 10.22
CA LEU A 295 30.48 20.23 8.99
C LEU A 295 31.32 20.13 7.73
N THR A 296 30.93 19.22 6.83
CA THR A 296 31.61 19.01 5.53
C THR A 296 31.61 20.31 4.71
N GLU A 297 32.46 20.46 3.72
CA GLU A 297 32.36 21.71 2.98
C GLU A 297 31.03 21.73 2.24
N GLU A 298 30.66 20.56 1.71
CA GLU A 298 29.38 20.38 1.02
C GLU A 298 28.21 20.81 1.93
N ALA A 299 28.31 20.50 3.21
CA ALA A 299 27.27 20.81 4.18
C ALA A 299 27.13 22.30 4.31
N GLU A 300 28.23 22.98 4.65
CA GLU A 300 28.27 24.44 4.83
C GLU A 300 27.75 25.06 3.57
N LEU A 301 27.89 24.30 2.49
CA LEU A 301 27.43 24.68 1.15
C LEU A 301 25.91 24.55 0.93
N GLU A 302 25.30 23.59 1.64
CA GLU A 302 23.87 23.39 1.59
C GLU A 302 23.27 24.45 2.47
N LEU A 303 23.55 24.32 3.76
CA LEU A 303 23.05 25.22 4.77
C LEU A 303 23.03 26.69 4.28
N ALA A 304 23.98 27.00 3.41
CA ALA A 304 24.07 28.35 2.89
C ALA A 304 23.00 28.61 1.84
N GLU A 305 22.79 27.65 0.95
CA GLU A 305 21.77 27.81 -0.06
C GLU A 305 20.41 27.92 0.61
N ASN A 306 20.21 27.06 1.62
CA ASN A 306 19.03 27.01 2.45
C ASN A 306 18.87 28.31 3.21
N ARG A 307 19.99 28.90 3.62
CA ARG A 307 19.93 30.16 4.38
C ARG A 307 19.38 31.27 3.49
N GLU A 308 19.75 31.16 2.21
CA GLU A 308 19.34 32.09 1.16
C GLU A 308 17.87 31.86 0.84
N ILE A 309 17.55 30.60 0.50
CA ILE A 309 16.18 30.20 0.18
C ILE A 309 15.22 30.78 1.22
N LEU A 310 15.66 30.73 2.48
CA LEU A 310 14.87 31.19 3.62
C LEU A 310 15.23 32.60 4.02
N LYS A 311 15.66 33.40 3.03
CA LYS A 311 16.06 34.79 3.24
C LYS A 311 14.85 35.53 3.73
N GLU A 312 13.85 35.55 2.85
CA GLU A 312 12.59 36.22 3.02
C GLU A 312 11.38 35.27 2.78
N PRO A 313 10.16 35.67 3.19
CA PRO A 313 8.95 34.86 3.04
C PRO A 313 8.51 34.31 1.68
N VAL A 314 8.07 33.05 1.77
CA VAL A 314 7.46 32.27 0.70
C VAL A 314 6.16 31.79 1.36
N HIS A 315 5.01 32.12 0.77
CA HIS A 315 3.66 31.72 1.19
C HIS A 315 3.03 30.85 0.13
N GLY A 316 2.00 30.12 0.48
CA GLY A 316 1.34 29.23 -0.46
C GLY A 316 -0.16 29.49 -0.51
N VAL A 317 -0.72 29.29 -1.69
CA VAL A 317 -2.12 29.54 -1.99
C VAL A 317 -2.99 28.44 -1.38
N TYR A 318 -4.32 28.60 -1.46
CA TYR A 318 -5.34 27.63 -0.99
C TYR A 318 -6.00 26.92 -2.21
N TYR A 319 -6.84 25.93 -1.98
CA TYR A 319 -7.36 25.12 -3.05
C TYR A 319 -8.71 25.52 -3.66
N ASP A 320 -8.88 25.22 -4.93
CA ASP A 320 -10.04 25.58 -5.74
C ASP A 320 -10.40 24.24 -6.37
N PRO A 321 -11.50 23.62 -5.90
CA PRO A 321 -11.76 22.26 -6.38
C PRO A 321 -12.15 22.16 -7.83
N SER A 322 -12.33 23.31 -8.46
CA SER A 322 -12.75 23.35 -9.85
C SER A 322 -11.61 23.50 -10.87
N LYS A 323 -10.40 23.77 -10.39
CA LYS A 323 -9.23 23.97 -11.27
C LYS A 323 -8.31 22.80 -11.06
N ASP A 324 -7.64 22.35 -12.12
CA ASP A 324 -6.73 21.19 -12.02
C ASP A 324 -5.46 21.50 -11.24
N LEU A 325 -4.80 20.43 -10.77
CA LEU A 325 -3.54 20.57 -10.05
C LEU A 325 -2.44 20.27 -11.03
N ILE A 326 -1.39 21.10 -11.04
CA ILE A 326 -0.25 20.83 -11.90
C ILE A 326 0.93 20.58 -11.02
N ALA A 327 1.54 19.40 -11.16
CA ALA A 327 2.77 19.04 -10.43
C ALA A 327 3.98 19.06 -11.38
N GLU A 328 5.05 19.75 -10.96
CA GLU A 328 6.31 19.89 -11.72
C GLU A 328 7.45 19.48 -10.81
N ILE A 329 8.31 18.59 -11.32
CA ILE A 329 9.43 18.05 -10.57
C ILE A 329 10.65 18.59 -11.27
N GLN A 330 11.76 18.66 -10.52
CA GLN A 330 13.09 19.06 -11.06
C GLN A 330 14.23 18.24 -10.41
N LYS A 331 15.33 18.12 -11.14
CA LYS A 331 16.50 17.37 -10.67
C LYS A 331 17.49 18.32 -10.00
N GLN A 332 17.47 18.32 -8.67
CA GLN A 332 18.32 19.17 -7.82
C GLN A 332 19.79 18.71 -7.62
N GLY A 333 20.15 17.58 -8.18
CA GLY A 333 21.47 17.01 -7.99
C GLY A 333 21.21 15.52 -7.87
N GLN A 334 22.28 14.75 -7.68
CA GLN A 334 22.18 13.29 -7.53
C GLN A 334 21.05 12.93 -6.55
N GLY A 335 20.27 11.91 -6.89
CA GLY A 335 19.15 11.43 -6.10
C GLY A 335 18.53 12.51 -5.26
N GLN A 336 18.40 13.69 -5.85
CA GLN A 336 17.79 14.83 -5.15
C GLN A 336 16.82 15.47 -6.08
N TRP A 337 15.53 15.43 -5.75
CA TRP A 337 14.49 16.00 -6.60
C TRP A 337 13.59 16.91 -5.81
N THR A 338 12.96 17.89 -6.47
CA THR A 338 11.99 18.86 -5.85
C THR A 338 10.74 18.85 -6.69
N TYR A 339 9.63 19.30 -6.12
CA TYR A 339 8.42 19.48 -6.93
C TYR A 339 7.76 20.70 -6.38
N GLN A 340 6.63 21.08 -6.97
CA GLN A 340 5.81 22.21 -6.56
C GLN A 340 4.44 21.99 -7.13
N ILE A 341 3.39 21.98 -6.31
CA ILE A 341 2.03 21.86 -6.83
C ILE A 341 1.30 23.22 -6.92
N TYR A 342 0.82 23.57 -8.11
CA TYR A 342 0.16 24.86 -8.27
C TYR A 342 -1.04 24.61 -9.13
N GLN A 343 -1.92 25.58 -9.24
CA GLN A 343 -3.15 25.40 -10.00
C GLN A 343 -3.15 26.50 -11.08
N GLU A 344 -2.62 27.66 -10.68
CA GLU A 344 -2.41 28.81 -11.56
C GLU A 344 -0.94 29.12 -11.59
N PRO A 345 -0.37 29.16 -12.80
CA PRO A 345 1.04 29.40 -12.91
C PRO A 345 1.73 30.30 -11.93
N PHE A 346 2.26 29.53 -11.02
CA PHE A 346 3.24 29.87 -10.12
C PHE A 346 2.81 30.27 -8.77
N LYS A 347 1.51 30.40 -8.62
CA LYS A 347 0.96 30.71 -7.31
C LYS A 347 0.76 29.30 -6.82
N ASN A 348 1.70 28.91 -5.94
CA ASN A 348 1.92 27.56 -5.42
C ASN A 348 1.07 27.13 -4.25
N LEU A 349 0.23 26.11 -4.44
CA LEU A 349 -0.50 25.53 -3.30
C LEU A 349 0.57 24.88 -2.39
N LYS A 350 1.61 24.32 -3.00
CA LYS A 350 2.70 23.71 -2.22
C LYS A 350 3.90 23.10 -2.96
N THR A 351 4.93 22.88 -2.14
CA THR A 351 6.27 22.45 -2.50
C THR A 351 6.59 21.02 -1.95
N GLY A 352 7.84 20.60 -2.02
CA GLY A 352 8.22 19.30 -1.51
C GLY A 352 9.52 18.83 -2.15
N LYS A 353 10.03 17.71 -1.67
CA LYS A 353 11.29 17.17 -2.15
C LYS A 353 11.34 15.64 -2.03
N TYR A 354 12.26 15.05 -2.79
CA TYR A 354 12.42 13.60 -2.82
C TYR A 354 13.89 13.22 -2.94
N ALA A 355 14.36 12.38 -2.02
CA ALA A 355 15.76 11.92 -2.06
C ALA A 355 15.74 10.42 -2.16
N ARG A 356 16.56 9.92 -3.08
CA ARG A 356 16.73 8.51 -3.39
C ARG A 356 15.92 7.42 -2.66
N MET A 357 16.20 6.19 -3.09
CA MET A 357 15.64 4.97 -2.50
C MET A 357 16.94 4.53 -1.88
N ARG A 358 17.56 5.49 -1.18
CA ARG A 358 18.89 5.28 -0.60
C ARG A 358 19.78 4.99 -1.83
N GLY A 359 19.23 5.31 -3.02
CA GLY A 359 19.85 5.16 -4.34
C GLY A 359 20.81 4.00 -4.45
N ALA A 360 20.31 2.78 -4.23
CA ALA A 360 21.09 1.53 -4.17
C ALA A 360 21.11 0.69 -5.46
N HIS A 361 21.57 1.31 -6.55
CA HIS A 361 21.58 0.79 -7.93
C HIS A 361 20.33 1.31 -8.63
N THR A 362 20.46 2.51 -9.16
CA THR A 362 19.31 3.14 -9.75
C THR A 362 19.73 4.21 -10.69
N ASN A 363 18.78 4.64 -11.52
CA ASN A 363 18.99 5.63 -12.56
C ASN A 363 17.92 6.73 -12.45
N ASP A 364 18.16 7.92 -13.02
CA ASP A 364 17.16 9.00 -13.01
C ASP A 364 15.77 8.59 -13.58
N VAL A 365 15.71 7.78 -14.63
CA VAL A 365 14.37 7.37 -15.06
C VAL A 365 13.58 6.71 -13.88
N LYS A 366 14.25 5.87 -13.08
CA LYS A 366 13.65 5.17 -11.92
C LYS A 366 13.32 6.14 -10.79
N GLN A 367 14.18 7.13 -10.61
CA GLN A 367 14.04 8.15 -9.58
C GLN A 367 12.85 9.11 -9.90
N LEU A 368 12.67 9.47 -11.14
CA LEU A 368 11.59 10.42 -11.42
C LEU A 368 10.24 9.83 -11.01
N THR A 369 10.00 8.62 -11.51
CA THR A 369 8.79 7.83 -11.30
C THR A 369 8.60 7.55 -9.82
N GLU A 370 9.67 7.44 -9.06
CA GLU A 370 9.42 7.30 -7.64
C GLU A 370 8.89 8.61 -7.11
N ALA A 371 9.31 9.71 -7.69
CA ALA A 371 8.84 11.02 -7.25
C ALA A 371 7.39 11.20 -7.75
N VAL A 372 7.18 11.04 -9.05
CA VAL A 372 5.84 11.10 -9.58
C VAL A 372 4.93 10.22 -8.72
N GLN A 373 5.49 9.14 -8.21
CA GLN A 373 4.70 8.24 -7.40
C GLN A 373 4.32 8.78 -6.03
N LYS A 374 5.34 9.15 -5.27
CA LYS A 374 5.19 9.77 -3.99
C LYS A 374 4.25 10.97 -4.22
N ILE A 375 4.50 11.77 -5.26
CA ILE A 375 3.66 12.94 -5.48
C ILE A 375 2.21 12.52 -5.80
N THR A 376 2.05 11.41 -6.51
CA THR A 376 0.70 11.04 -6.85
C THR A 376 -0.07 10.71 -5.58
N THR A 377 0.60 10.03 -4.63
CA THR A 377 -0.05 9.66 -3.38
C THR A 377 -0.54 10.82 -2.50
N GLU A 378 0.31 11.83 -2.36
CA GLU A 378 0.02 13.05 -1.61
C GLU A 378 -1.22 13.78 -2.18
N SER A 379 -1.37 13.87 -3.49
CA SER A 379 -2.53 14.63 -4.01
C SER A 379 -3.84 13.94 -3.69
N ILE A 380 -3.83 12.60 -3.75
CA ILE A 380 -4.98 11.73 -3.42
C ILE A 380 -5.35 12.04 -1.99
N VAL A 381 -4.39 11.83 -1.11
CA VAL A 381 -4.50 12.16 0.30
C VAL A 381 -5.09 13.55 0.50
N ILE A 382 -4.31 14.57 0.11
CA ILE A 382 -4.63 15.97 0.29
C ILE A 382 -5.83 16.48 -0.49
N TRP A 383 -5.91 16.18 -1.78
CA TRP A 383 -6.89 16.85 -2.66
C TRP A 383 -7.95 15.97 -3.26
N GLY A 384 -7.86 14.64 -3.05
CA GLY A 384 -8.74 13.64 -3.65
C GLY A 384 -8.66 13.52 -5.17
N LYS A 385 -7.52 13.91 -5.76
CA LYS A 385 -7.31 13.87 -7.19
C LYS A 385 -5.83 13.99 -7.58
N THR A 386 -5.38 13.27 -8.61
CA THR A 386 -3.95 13.27 -9.03
C THR A 386 -3.59 14.48 -9.82
N PRO A 387 -2.29 14.79 -9.92
CA PRO A 387 -2.14 16.05 -10.66
C PRO A 387 -1.73 15.77 -12.05
N LYS A 388 -1.50 16.86 -12.80
CA LYS A 388 -0.98 16.80 -14.16
C LYS A 388 0.56 16.91 -13.99
N PHE A 389 1.29 16.05 -14.68
CA PHE A 389 2.72 16.03 -14.44
C PHE A 389 3.58 16.69 -15.57
N LYS A 390 4.39 17.68 -15.17
CA LYS A 390 5.27 18.38 -16.08
C LYS A 390 6.65 17.82 -15.72
N LEU A 391 7.26 16.98 -16.57
CA LEU A 391 8.57 16.37 -16.27
C LEU A 391 9.72 16.71 -17.24
N PRO A 392 10.91 16.96 -16.68
CA PRO A 392 12.18 17.22 -17.32
C PRO A 392 12.63 15.95 -18.02
N ILE A 393 11.70 15.21 -18.60
CA ILE A 393 12.08 14.04 -19.36
C ILE A 393 11.38 14.17 -20.69
N GLN A 394 11.90 13.46 -21.70
CA GLN A 394 11.44 13.55 -23.09
C GLN A 394 10.44 12.47 -23.26
N LYS A 395 9.41 12.69 -24.07
CA LYS A 395 8.50 11.57 -24.25
C LYS A 395 9.16 10.26 -24.72
N GLU A 396 10.00 10.30 -25.75
CA GLU A 396 10.68 9.09 -26.27
C GLU A 396 11.63 8.41 -25.26
N THR A 397 12.34 9.21 -24.48
CA THR A 397 13.18 8.65 -23.45
C THR A 397 12.35 7.79 -22.46
N TRP A 398 11.24 8.33 -22.01
CA TRP A 398 10.36 7.62 -21.11
C TRP A 398 9.86 6.34 -21.77
N GLU A 399 9.55 6.37 -23.04
CA GLU A 399 8.95 5.18 -23.63
C GLU A 399 9.93 4.06 -24.05
N THR A 400 11.14 4.47 -24.31
CA THR A 400 12.20 3.60 -24.70
C THR A 400 12.50 2.83 -23.46
N TRP A 401 12.43 3.53 -22.33
CA TRP A 401 12.80 2.86 -21.08
C TRP A 401 11.69 2.01 -20.50
N TRP A 402 10.47 2.53 -20.50
CA TRP A 402 9.32 1.82 -19.98
C TRP A 402 9.05 0.57 -20.77
N THR A 403 9.13 0.70 -22.08
CA THR A 403 8.80 -0.41 -22.96
C THR A 403 9.73 -1.57 -22.70
N GLU A 404 11.01 -1.23 -22.56
CA GLU A 404 12.09 -2.19 -22.35
C GLU A 404 12.27 -2.83 -20.97
N TYR A 405 11.91 -2.11 -19.91
CA TYR A 405 12.06 -2.56 -18.53
C TYR A 405 11.08 -3.65 -18.09
N TRP A 406 11.53 -4.57 -17.25
CA TRP A 406 10.70 -5.67 -16.76
C TRP A 406 9.59 -5.36 -15.74
N GLN A 407 9.66 -4.22 -15.06
CA GLN A 407 8.62 -3.87 -14.09
C GLN A 407 7.56 -3.05 -14.79
N ALA A 408 6.30 -3.31 -14.48
CA ALA A 408 5.21 -2.51 -15.06
C ALA A 408 5.44 -1.16 -14.43
N THR A 409 5.51 -0.13 -15.26
CA THR A 409 5.92 1.21 -14.82
C THR A 409 4.84 2.05 -15.39
N TRP A 410 4.25 2.94 -14.62
CA TRP A 410 3.18 3.71 -15.22
C TRP A 410 2.77 5.09 -14.75
N ILE A 411 3.37 6.12 -15.37
CA ILE A 411 3.06 7.52 -15.12
C ILE A 411 1.70 7.89 -15.66
N PRO A 412 0.91 8.64 -14.90
CA PRO A 412 -0.35 8.96 -15.58
C PRO A 412 -0.23 10.01 -16.69
N GLU A 413 -0.59 11.26 -16.37
CA GLU A 413 -0.67 12.36 -17.33
C GLU A 413 0.51 13.31 -17.40
N TRP A 414 1.37 13.19 -18.39
CA TRP A 414 2.43 14.17 -18.42
C TRP A 414 2.88 14.77 -19.71
N GLU A 415 3.69 15.81 -19.54
CA GLU A 415 4.21 16.61 -20.61
C GLU A 415 5.68 16.94 -20.36
N PHE A 416 6.46 17.06 -21.43
CA PHE A 416 7.88 17.40 -21.29
C PHE A 416 7.87 18.86 -20.86
N VAL A 417 8.91 19.31 -20.15
CA VAL A 417 9.15 20.72 -19.79
C VAL A 417 10.67 20.85 -19.85
N ASN A 418 11.14 21.52 -20.92
CA ASN A 418 12.56 21.59 -21.18
C ASN A 418 13.22 22.46 -20.16
N THR A 419 13.38 21.87 -18.97
CA THR A 419 13.98 22.54 -17.84
C THR A 419 15.18 21.78 -17.35
N PRO A 420 16.34 21.88 -18.03
CA PRO A 420 17.54 21.12 -17.63
C PRO A 420 17.83 21.18 -16.09
N PRO A 421 18.55 20.15 -15.54
CA PRO A 421 19.06 18.99 -16.26
C PRO A 421 17.89 18.16 -16.75
N LEU A 422 17.90 17.75 -18.02
CA LEU A 422 16.85 16.88 -18.47
C LEU A 422 17.29 15.49 -17.98
N VAL A 423 16.33 14.56 -17.86
CA VAL A 423 16.60 13.18 -17.38
C VAL A 423 16.96 12.22 -18.52
N LYS A 424 18.12 11.58 -18.42
CA LYS A 424 18.55 10.69 -19.50
C LYS A 424 19.23 9.37 -19.10
N LEU A 425 19.29 8.44 -20.06
CA LEU A 425 20.01 7.19 -19.82
C LEU A 425 21.45 7.41 -20.29
N TRP A 426 22.42 6.86 -19.57
CA TRP A 426 23.81 7.20 -19.85
C TRP A 426 24.61 6.33 -20.75
N TYR A 427 23.98 5.24 -21.18
CA TYR A 427 24.59 4.24 -22.02
C TYR A 427 23.49 3.23 -22.25
N GLN A 428 23.68 2.32 -23.23
CA GLN A 428 22.72 1.25 -23.47
C GLN A 428 23.40 -0.07 -23.89
N LEU A 429 23.05 -1.14 -23.21
CA LEU A 429 23.61 -2.44 -23.54
C LEU A 429 23.06 -2.85 -24.87
N GLU A 430 23.89 -3.37 -25.75
CA GLU A 430 23.45 -3.91 -27.06
C GLU A 430 22.38 -5.00 -26.98
N LYS A 431 21.74 -5.29 -28.11
CA LYS A 431 20.74 -6.35 -28.17
C LYS A 431 21.33 -7.66 -28.75
N GLU A 432 22.31 -7.50 -29.65
CA GLU A 432 22.95 -8.60 -30.37
C GLU A 432 24.48 -8.39 -30.21
N PRO A 433 25.26 -9.48 -30.36
CA PRO A 433 26.71 -9.49 -30.24
C PRO A 433 27.47 -8.67 -31.28
N ILE A 434 28.42 -7.88 -30.79
CA ILE A 434 29.29 -7.05 -31.62
C ILE A 434 30.24 -7.97 -32.46
N VAL A 435 29.93 -8.22 -33.74
CA VAL A 435 30.86 -8.99 -34.57
C VAL A 435 32.15 -8.14 -34.66
N GLY A 436 33.32 -8.77 -34.54
CA GLY A 436 34.60 -8.06 -34.59
C GLY A 436 34.94 -7.27 -33.34
N ALA A 437 34.37 -7.73 -32.22
CA ALA A 437 34.60 -7.17 -30.90
C ALA A 437 35.07 -8.32 -29.99
N GLU A 438 36.10 -8.07 -29.19
CA GLU A 438 36.66 -9.11 -28.35
C GLU A 438 35.73 -9.69 -27.28
N THR A 439 35.58 -11.00 -27.26
CA THR A 439 34.80 -11.66 -26.22
C THR A 439 35.58 -11.99 -24.91
N PHE A 440 35.56 -11.11 -23.91
CA PHE A 440 36.11 -11.46 -22.62
C PHE A 440 35.12 -12.38 -21.91
N TYR A 441 35.49 -13.64 -21.69
CA TYR A 441 34.71 -14.57 -20.87
C TYR A 441 35.27 -14.31 -19.42
N VAL A 442 34.54 -13.47 -18.67
CA VAL A 442 34.92 -13.11 -17.31
C VAL A 442 34.51 -14.18 -16.30
N ASP A 443 35.17 -14.17 -15.15
CA ASP A 443 34.92 -15.08 -14.04
C ASP A 443 35.39 -14.44 -12.74
N GLY A 444 34.89 -14.96 -11.61
CA GLY A 444 35.18 -14.43 -10.29
C GLY A 444 34.76 -15.43 -9.24
N ALA A 445 35.46 -15.45 -8.11
CA ALA A 445 35.18 -16.39 -7.04
C ALA A 445 35.71 -15.94 -5.67
N ALA A 446 35.23 -16.58 -4.59
CA ALA A 446 35.66 -16.23 -3.25
C ALA A 446 35.72 -17.46 -2.35
N ASN A 447 36.66 -17.44 -1.42
CA ASN A 447 36.77 -18.55 -0.49
C ASN A 447 36.17 -18.02 0.77
N ARG A 448 35.20 -18.75 1.31
CA ARG A 448 34.41 -18.29 2.44
C ARG A 448 35.14 -18.06 3.78
N GLU A 449 35.98 -19.01 4.15
CA GLU A 449 36.75 -18.90 5.41
C GLU A 449 37.82 -17.84 5.22
N THR A 450 38.71 -18.12 4.28
CA THR A 450 39.77 -17.19 3.87
C THR A 450 39.16 -15.80 3.57
N LYS A 451 38.21 -15.78 2.63
CA LYS A 451 37.57 -14.59 2.15
C LYS A 451 38.45 -13.95 1.11
N LEU A 452 39.17 -14.81 0.40
CA LEU A 452 40.12 -14.43 -0.64
C LEU A 452 39.61 -14.90 -1.99
N GLY A 453 39.21 -13.96 -2.84
CA GLY A 453 38.75 -14.32 -4.18
C GLY A 453 39.73 -13.90 -5.25
N LYS A 454 39.57 -14.48 -6.45
CA LYS A 454 40.38 -14.15 -7.62
C LYS A 454 39.44 -13.46 -8.57
N ALA A 455 39.92 -12.93 -9.67
CA ALA A 455 39.04 -12.27 -10.63
C ALA A 455 39.78 -12.11 -11.94
N GLY A 456 39.30 -12.75 -12.99
CA GLY A 456 40.01 -12.61 -14.23
C GLY A 456 39.11 -12.68 -15.42
N TYR A 457 39.73 -12.64 -16.60
CA TYR A 457 39.07 -12.81 -17.90
C TYR A 457 40.00 -13.58 -18.82
N VAL A 458 39.42 -14.14 -19.86
CA VAL A 458 40.16 -14.94 -20.81
C VAL A 458 39.43 -14.71 -22.14
N THR A 459 40.15 -14.25 -23.15
CA THR A 459 39.50 -13.89 -24.40
C THR A 459 39.56 -14.90 -25.55
N ASN A 460 39.05 -14.49 -26.72
CA ASN A 460 39.02 -15.33 -27.94
C ASN A 460 40.14 -14.82 -28.86
N ARG A 461 40.92 -13.90 -28.31
CA ARG A 461 42.02 -13.30 -28.98
C ARG A 461 43.17 -13.76 -28.05
N GLY A 462 42.91 -14.84 -27.32
CA GLY A 462 43.90 -15.46 -26.47
C GLY A 462 44.41 -14.76 -25.20
N ARG A 463 44.02 -13.50 -24.93
CA ARG A 463 44.48 -12.74 -23.74
C ARG A 463 44.06 -13.28 -22.44
N GLN A 464 44.55 -12.64 -21.38
CA GLN A 464 44.18 -13.06 -20.06
C GLN A 464 44.76 -12.15 -18.99
N LYS A 465 44.19 -12.29 -17.80
CA LYS A 465 44.59 -11.55 -16.61
C LYS A 465 43.87 -12.25 -15.52
N VAL A 466 44.39 -12.19 -14.31
CA VAL A 466 43.78 -12.92 -13.21
C VAL A 466 44.07 -12.20 -11.89
N VAL A 467 43.30 -11.16 -11.67
CA VAL A 467 43.53 -10.41 -10.51
C VAL A 467 43.20 -11.10 -9.18
N THR A 468 43.94 -10.70 -8.15
CA THR A 468 43.81 -11.30 -6.85
C THR A 468 43.21 -10.33 -5.87
N LEU A 469 42.27 -10.86 -5.08
CA LEU A 469 41.44 -10.06 -4.20
C LEU A 469 41.47 -10.51 -2.75
N THR A 470 41.18 -9.55 -1.88
CA THR A 470 41.26 -9.72 -0.45
C THR A 470 40.00 -9.23 0.22
N ASP A 471 39.55 -9.97 1.23
CA ASP A 471 38.37 -9.60 2.00
C ASP A 471 37.26 -9.24 1.04
N THR A 472 36.83 -10.28 0.34
CA THR A 472 35.88 -10.18 -0.72
C THR A 472 34.77 -11.23 -0.66
N THR A 473 33.72 -11.01 -1.47
CA THR A 473 32.52 -11.84 -1.52
C THR A 473 32.30 -12.42 -2.92
N ASN A 474 31.52 -13.48 -3.06
CA ASN A 474 31.29 -14.03 -4.38
C ASN A 474 30.74 -12.92 -5.23
N GLN A 475 29.70 -12.21 -4.77
CA GLN A 475 29.18 -11.00 -5.48
C GLN A 475 30.32 -10.03 -5.84
N LYS A 476 30.97 -9.44 -4.84
CA LYS A 476 32.01 -8.49 -5.17
C LYS A 476 33.03 -8.98 -6.19
N THR A 477 33.25 -10.29 -6.32
CA THR A 477 34.28 -10.74 -7.29
C THR A 477 33.81 -10.87 -8.75
N GLU A 478 32.53 -11.26 -8.91
CA GLU A 478 31.87 -11.32 -10.20
C GLU A 478 31.76 -9.93 -10.80
N LEU A 479 31.81 -8.87 -9.99
CA LEU A 479 31.72 -7.49 -10.55
C LEU A 479 33.11 -6.91 -10.80
N GLN A 480 34.08 -7.35 -10.01
CA GLN A 480 35.41 -6.87 -10.21
C GLN A 480 35.80 -7.54 -11.50
N ALA A 481 35.44 -8.82 -11.69
CA ALA A 481 35.72 -9.52 -12.95
C ALA A 481 35.24 -8.76 -14.15
N ILE A 482 33.97 -8.38 -14.14
CA ILE A 482 33.33 -7.61 -15.23
C ILE A 482 34.02 -6.28 -15.37
N TYR A 483 34.43 -5.71 -14.25
CA TYR A 483 35.18 -4.46 -14.25
C TYR A 483 36.46 -4.61 -15.07
N LEU A 484 37.18 -5.71 -14.85
CA LEU A 484 38.47 -6.03 -15.51
C LEU A 484 38.33 -6.10 -17.00
N ALA A 485 37.25 -6.73 -17.46
CA ALA A 485 36.99 -6.91 -18.88
C ALA A 485 36.70 -5.62 -19.52
N LEU A 486 36.21 -4.67 -18.75
CA LEU A 486 35.81 -3.35 -19.25
C LEU A 486 37.00 -2.46 -19.36
N GLN A 487 37.94 -2.67 -18.43
CA GLN A 487 39.17 -1.90 -18.36
C GLN A 487 40.15 -2.19 -19.52
N ASP A 488 40.27 -3.47 -19.88
CA ASP A 488 41.18 -3.94 -20.92
C ASP A 488 40.42 -4.37 -22.20
N SER A 489 39.36 -3.69 -22.60
CA SER A 489 38.53 -4.14 -23.73
C SER A 489 38.40 -3.10 -24.83
N GLY A 490 38.38 -1.84 -24.44
CA GLY A 490 38.27 -0.81 -25.43
C GLY A 490 36.98 -0.82 -26.21
N LEU A 491 36.58 0.38 -26.63
CA LEU A 491 35.37 0.67 -27.37
C LEU A 491 34.25 -0.37 -27.55
N GLU A 492 34.53 -1.55 -28.05
CA GLU A 492 33.44 -2.50 -28.24
C GLU A 492 33.77 -3.91 -27.74
N VAL A 493 33.07 -4.37 -26.69
CA VAL A 493 33.37 -5.67 -26.10
C VAL A 493 32.15 -6.52 -25.80
N ASN A 494 32.33 -7.84 -25.85
CA ASN A 494 31.31 -8.79 -25.43
C ASN A 494 31.85 -9.35 -24.11
N ILE A 495 30.96 -9.65 -23.16
CA ILE A 495 31.46 -10.09 -21.87
C ILE A 495 30.56 -11.23 -21.40
N VAL A 496 31.05 -12.45 -21.21
CA VAL A 496 30.15 -13.52 -20.77
C VAL A 496 30.42 -13.97 -19.33
N THR A 497 29.45 -13.65 -18.44
CA THR A 497 29.50 -13.87 -16.98
C THR A 497 28.57 -15.02 -16.60
N ASP A 498 28.72 -15.57 -15.39
CA ASP A 498 27.86 -16.66 -14.88
C ASP A 498 26.95 -16.09 -13.76
N SER A 499 27.17 -14.79 -13.52
CA SER A 499 26.50 -13.95 -12.53
C SER A 499 25.12 -13.39 -12.92
N GLN A 500 24.09 -14.08 -12.49
CA GLN A 500 22.75 -13.59 -12.59
C GLN A 500 22.83 -12.22 -11.85
N TYR A 501 23.51 -12.18 -10.69
CA TYR A 501 23.68 -10.97 -9.86
C TYR A 501 23.98 -9.69 -10.60
N ALA A 502 25.12 -9.69 -11.32
CA ALA A 502 25.71 -8.54 -12.06
C ALA A 502 25.00 -8.24 -13.33
N LEU A 503 24.56 -9.29 -14.01
CA LEU A 503 23.81 -9.15 -15.25
C LEU A 503 22.69 -8.21 -14.85
N GLY A 504 21.86 -8.78 -13.96
CA GLY A 504 20.72 -8.16 -13.30
C GLY A 504 20.97 -6.69 -13.03
N ILE A 505 22.07 -6.38 -12.32
CA ILE A 505 22.44 -5.00 -11.93
C ILE A 505 22.73 -4.06 -13.08
N ILE A 506 23.43 -4.58 -14.09
CA ILE A 506 23.87 -3.80 -15.25
C ILE A 506 22.75 -3.57 -16.24
N GLN A 507 21.93 -4.60 -16.39
CA GLN A 507 20.83 -4.62 -17.33
C GLN A 507 19.83 -3.51 -17.15
N ALA A 508 19.66 -3.02 -15.91
CA ALA A 508 18.71 -1.96 -15.57
C ALA A 508 19.39 -0.58 -15.61
N GLN A 509 20.37 -0.45 -16.48
CA GLN A 509 21.10 0.79 -16.62
C GLN A 509 21.24 1.67 -15.43
N PRO A 510 21.97 1.21 -14.38
CA PRO A 510 22.18 2.08 -13.22
C PRO A 510 22.97 3.27 -13.68
N ASP A 511 22.81 4.42 -13.07
CA ASP A 511 23.67 5.53 -13.48
C ASP A 511 24.21 6.20 -12.20
N GLN A 512 23.99 5.48 -11.09
CA GLN A 512 24.42 5.84 -9.74
C GLN A 512 24.34 4.58 -8.87
N SER A 513 25.22 4.48 -7.88
CA SER A 513 25.25 3.36 -6.97
C SER A 513 25.97 3.66 -5.65
N GLU A 514 25.59 2.88 -4.65
CA GLU A 514 26.12 3.00 -3.29
C GLU A 514 27.50 2.35 -3.24
N SER A 515 27.72 1.39 -4.15
CA SER A 515 28.98 0.68 -4.30
C SER A 515 29.87 1.32 -5.37
N GLU A 516 31.13 1.47 -5.05
CA GLU A 516 32.01 2.11 -5.99
C GLU A 516 32.56 1.12 -7.02
N LEU A 517 32.49 -0.16 -6.70
CA LEU A 517 32.83 -1.18 -7.68
C LEU A 517 31.79 -1.01 -8.76
N VAL A 518 30.54 -0.83 -8.31
CA VAL A 518 29.49 -0.62 -9.26
C VAL A 518 29.75 0.72 -9.89
N ASN A 519 30.30 1.64 -9.11
CA ASN A 519 30.55 2.95 -9.70
C ASN A 519 31.57 3.01 -10.83
N GLN A 520 32.64 2.22 -10.71
CA GLN A 520 33.70 2.06 -11.73
C GLN A 520 33.05 1.59 -13.02
N ILE A 521 32.46 0.38 -12.94
CA ILE A 521 31.64 -0.13 -14.04
C ILE A 521 30.69 0.97 -14.62
N ILE A 522 30.06 1.81 -13.83
CA ILE A 522 29.21 2.84 -14.52
C ILE A 522 30.14 3.77 -15.38
N GLU A 523 31.22 4.26 -14.74
CA GLU A 523 32.16 5.10 -15.42
C GLU A 523 32.67 4.44 -16.71
N GLN A 524 32.93 3.12 -16.68
CA GLN A 524 33.33 2.36 -17.87
C GLN A 524 32.15 2.52 -18.79
N LEU A 525 31.36 1.46 -18.96
CA LEU A 525 30.10 1.44 -19.71
C LEU A 525 29.71 2.68 -20.45
N ILE A 526 29.70 3.84 -19.77
CA ILE A 526 29.39 5.13 -20.47
C ILE A 526 30.43 5.50 -21.54
N LYS A 527 31.71 5.26 -21.22
CA LYS A 527 32.86 5.44 -22.09
C LYS A 527 32.74 4.58 -23.39
N LYS A 528 32.67 3.25 -23.26
CA LYS A 528 32.59 2.36 -24.42
C LYS A 528 31.62 2.84 -25.49
N GLU A 529 31.38 2.03 -26.49
CA GLU A 529 30.49 2.49 -27.52
C GLU A 529 29.57 1.40 -27.92
N LYS A 530 29.93 0.20 -27.47
CA LYS A 530 29.14 -1.00 -27.73
C LYS A 530 29.46 -2.02 -26.67
N VAL A 531 28.46 -2.45 -25.95
CA VAL A 531 28.66 -3.43 -24.92
C VAL A 531 27.51 -4.37 -24.88
N TYR A 532 27.75 -5.58 -25.37
CA TYR A 532 26.79 -6.67 -25.29
C TYR A 532 27.32 -7.42 -24.07
N LEU A 533 26.41 -7.90 -23.20
CA LEU A 533 26.75 -8.63 -21.95
C LEU A 533 25.83 -9.83 -21.89
N ALA A 534 26.30 -10.99 -21.44
CA ALA A 534 25.53 -12.22 -21.54
C ALA A 534 25.87 -13.20 -20.50
N TRP A 535 24.94 -14.14 -20.35
CA TRP A 535 24.90 -15.09 -19.25
C TRP A 535 25.00 -16.59 -19.58
N VAL A 536 25.66 -17.31 -18.68
CA VAL A 536 25.84 -18.73 -18.84
C VAL A 536 25.86 -19.42 -17.49
N PRO A 537 25.18 -20.57 -17.43
CA PRO A 537 25.26 -21.34 -16.19
C PRO A 537 26.70 -21.68 -15.93
N ALA A 538 27.17 -21.44 -14.72
CA ALA A 538 28.54 -21.87 -14.40
C ALA A 538 28.56 -23.36 -14.03
N HIS A 539 29.75 -23.98 -14.09
CA HIS A 539 29.89 -25.42 -13.84
C HIS A 539 29.28 -26.17 -15.01
N LYS A 540 29.21 -25.48 -16.12
CA LYS A 540 28.65 -26.10 -17.30
C LYS A 540 29.85 -26.12 -18.22
N GLY A 541 29.69 -26.65 -19.44
CA GLY A 541 30.77 -26.67 -20.41
C GLY A 541 31.31 -25.25 -20.48
N ILE A 542 30.59 -24.39 -21.18
CA ILE A 542 30.93 -22.97 -21.31
C ILE A 542 32.36 -22.56 -20.94
N GLY A 543 33.26 -22.77 -21.89
CA GLY A 543 34.65 -22.43 -21.73
C GLY A 543 34.66 -20.94 -21.61
N GLY A 544 35.33 -20.42 -20.58
CA GLY A 544 35.36 -19.00 -20.29
C GLY A 544 34.43 -18.75 -19.12
N ASN A 545 33.50 -19.68 -18.94
CA ASN A 545 32.52 -19.65 -17.86
C ASN A 545 33.07 -20.30 -16.57
N SER B 3 -39.33 -11.42 7.93
CA SER B 3 -37.91 -11.51 7.62
C SER B 3 -37.06 -12.57 8.36
N PRO B 4 -37.30 -12.76 9.69
CA PRO B 4 -36.68 -13.64 10.69
C PRO B 4 -36.19 -15.06 10.33
N ILE B 5 -34.99 -15.14 9.76
CA ILE B 5 -34.34 -16.42 9.47
C ILE B 5 -33.06 -16.56 10.31
N GLU B 6 -33.18 -17.31 11.40
CA GLU B 6 -32.10 -17.64 12.34
C GLU B 6 -30.63 -17.44 11.85
N THR B 7 -29.87 -16.60 12.54
CA THR B 7 -28.49 -16.34 12.14
C THR B 7 -27.55 -17.54 12.38
N VAL B 8 -26.67 -17.83 11.41
CA VAL B 8 -25.74 -18.96 11.52
C VAL B 8 -24.56 -18.58 12.39
N PRO B 9 -24.64 -18.89 13.70
CA PRO B 9 -23.56 -18.55 14.66
C PRO B 9 -22.14 -18.70 14.11
N VAL B 10 -21.57 -17.57 13.71
CA VAL B 10 -20.22 -17.48 13.15
C VAL B 10 -19.19 -17.26 14.23
N LYS B 11 -18.12 -18.05 14.17
CA LYS B 11 -17.03 -17.98 15.14
C LYS B 11 -15.64 -17.73 14.54
N LEU B 12 -15.00 -16.63 14.95
CA LEU B 12 -13.64 -16.33 14.48
C LEU B 12 -12.79 -17.52 14.90
N LYS B 13 -11.56 -17.60 14.37
CA LYS B 13 -10.69 -18.69 14.80
C LYS B 13 -10.32 -18.46 16.29
N PRO B 14 -9.99 -19.54 17.04
CA PRO B 14 -9.62 -19.43 18.47
C PRO B 14 -8.34 -18.58 18.69
N GLY B 15 -8.48 -17.56 19.53
CA GLY B 15 -7.40 -16.60 19.82
C GLY B 15 -7.19 -15.48 18.80
N MET B 16 -7.47 -15.76 17.52
CA MET B 16 -7.27 -14.77 16.48
C MET B 16 -8.28 -13.60 16.60
N ASP B 17 -7.77 -12.37 16.40
CA ASP B 17 -8.61 -11.19 16.53
C ASP B 17 -9.00 -10.60 15.21
N GLY B 18 -10.17 -9.98 15.26
CA GLY B 18 -10.76 -9.33 14.13
C GLY B 18 -9.75 -8.49 13.44
N PRO B 19 -10.09 -8.05 12.22
CA PRO B 19 -9.20 -7.25 11.38
C PRO B 19 -9.15 -5.81 11.86
N LYS B 20 -7.96 -5.22 11.76
CA LYS B 20 -7.77 -3.84 12.10
C LYS B 20 -6.94 -3.20 10.95
N VAL B 21 -7.46 -3.37 9.73
CA VAL B 21 -6.78 -2.92 8.53
C VAL B 21 -6.98 -1.48 8.20
N LYS B 22 -5.91 -0.78 7.89
CA LYS B 22 -6.04 0.63 7.53
C LYS B 22 -6.84 0.86 6.23
N GLN B 23 -7.39 2.05 6.11
CA GLN B 23 -8.10 2.46 4.93
C GLN B 23 -7.20 3.35 4.05
N TRP B 24 -7.27 3.03 2.75
CA TRP B 24 -6.54 3.69 1.67
C TRP B 24 -7.23 4.97 1.35
N PRO B 25 -6.45 6.06 1.18
CA PRO B 25 -6.94 7.36 0.76
C PRO B 25 -7.51 7.13 -0.65
N LEU B 26 -8.71 7.67 -0.85
CA LEU B 26 -9.51 7.44 -2.06
C LEU B 26 -9.72 8.69 -2.86
N THR B 27 -10.07 8.55 -4.12
CA THR B 27 -10.37 9.73 -4.91
C THR B 27 -11.65 10.24 -4.33
N GLU B 28 -12.08 11.42 -4.73
CA GLU B 28 -13.26 11.99 -4.12
C GLU B 28 -14.43 11.48 -4.92
N GLU B 29 -14.10 10.80 -6.00
CA GLU B 29 -15.08 10.33 -6.91
C GLU B 29 -15.69 9.07 -6.34
N LYS B 30 -14.83 8.29 -5.68
CA LYS B 30 -15.23 7.01 -5.22
C LYS B 30 -15.73 7.19 -3.84
N ILE B 31 -15.28 8.26 -3.20
CA ILE B 31 -15.78 8.60 -1.86
C ILE B 31 -17.25 9.00 -2.07
N LYS B 32 -17.52 9.92 -2.99
CA LYS B 32 -18.87 10.37 -3.28
C LYS B 32 -19.75 9.17 -3.62
N ALA B 33 -19.27 8.35 -4.53
CA ALA B 33 -19.99 7.17 -4.99
C ALA B 33 -20.27 6.15 -3.89
N LEU B 34 -19.39 6.12 -2.88
CA LEU B 34 -19.49 5.18 -1.75
C LEU B 34 -20.54 5.69 -0.78
N VAL B 35 -20.39 6.96 -0.40
CA VAL B 35 -21.32 7.64 0.48
C VAL B 35 -22.74 7.42 -0.04
N GLU B 36 -22.92 7.46 -1.36
CA GLU B 36 -24.21 7.18 -1.98
C GLU B 36 -24.51 5.68 -1.83
N ILE B 37 -23.71 4.80 -2.42
CA ILE B 37 -23.97 3.36 -2.34
C ILE B 37 -24.25 2.91 -0.95
N CYS B 38 -23.80 3.72 0.01
CA CYS B 38 -23.86 3.44 1.45
C CYS B 38 -25.01 4.07 2.20
N THR B 39 -25.54 5.19 1.74
CA THR B 39 -26.70 5.79 2.40
C THR B 39 -27.93 5.06 1.85
N GLU B 40 -27.77 4.43 0.69
CA GLU B 40 -28.82 3.62 0.06
C GLU B 40 -28.89 2.29 0.79
N MET B 41 -27.74 1.63 1.01
CA MET B 41 -27.67 0.31 1.67
C MET B 41 -28.15 0.34 3.12
N GLU B 42 -28.16 1.51 3.73
CA GLU B 42 -28.58 1.63 5.14
C GLU B 42 -30.09 1.86 5.33
N LYS B 43 -30.72 2.57 4.39
CA LYS B 43 -32.16 2.76 4.38
C LYS B 43 -32.76 1.38 4.03
N GLU B 44 -31.98 0.51 3.36
CA GLU B 44 -32.39 -0.86 3.08
C GLU B 44 -31.98 -1.74 4.27
N GLY B 45 -31.48 -1.09 5.31
CA GLY B 45 -31.01 -1.72 6.53
C GLY B 45 -29.93 -2.77 6.34
N LYS B 46 -29.22 -2.77 5.20
CA LYS B 46 -28.21 -3.76 4.86
C LYS B 46 -26.98 -3.61 5.74
N ILE B 47 -26.68 -2.34 6.08
CA ILE B 47 -25.58 -1.94 7.00
C ILE B 47 -26.01 -0.92 8.07
N SER B 48 -25.14 -0.61 9.04
CA SER B 48 -25.52 0.36 10.10
C SER B 48 -24.28 1.09 10.60
N LYS B 49 -24.38 2.40 10.79
CA LYS B 49 -23.23 3.13 11.28
C LYS B 49 -22.80 2.47 12.59
N ILE B 50 -21.54 2.68 12.98
CA ILE B 50 -21.03 2.13 14.22
C ILE B 50 -20.26 3.24 14.92
N GLY B 51 -20.18 3.11 16.22
CA GLY B 51 -19.54 4.10 17.06
C GLY B 51 -18.12 3.72 17.21
N PRO B 52 -17.29 4.65 17.68
CA PRO B 52 -15.87 4.45 17.92
C PRO B 52 -15.70 3.27 18.79
N GLU B 53 -16.77 2.80 19.42
CA GLU B 53 -16.68 1.62 20.27
C GLU B 53 -16.17 0.38 19.53
N ASN B 54 -16.07 0.51 18.18
CA ASN B 54 -15.55 -0.54 17.26
C ASN B 54 -14.09 -0.27 16.87
N PRO B 55 -13.20 -1.23 17.15
CA PRO B 55 -11.77 -1.19 16.89
C PRO B 55 -11.36 -1.87 15.57
N TYR B 56 -12.33 -2.42 14.85
CA TYR B 56 -12.02 -3.15 13.64
C TYR B 56 -12.26 -2.39 12.38
N ASN B 57 -11.59 -2.83 11.35
CA ASN B 57 -11.70 -2.14 10.11
C ASN B 57 -11.15 -2.98 8.96
N THR B 58 -11.94 -3.04 7.88
CA THR B 58 -11.56 -3.67 6.66
C THR B 58 -11.50 -2.54 5.57
N PRO B 59 -10.52 -2.63 4.63
CA PRO B 59 -10.56 -1.49 3.71
C PRO B 59 -11.71 -1.64 2.74
N VAL B 60 -12.09 -0.53 2.11
CA VAL B 60 -13.15 -0.50 1.08
C VAL B 60 -12.68 0.34 -0.15
N PHE B 61 -13.31 0.13 -1.31
CA PHE B 61 -12.91 0.85 -2.51
C PHE B 61 -14.12 0.82 -3.34
N ALA B 62 -14.03 1.45 -4.53
CA ALA B 62 -15.07 1.49 -5.58
C ALA B 62 -14.57 1.06 -6.96
N ILE B 63 -15.15 -0.04 -7.46
CA ILE B 63 -14.85 -0.57 -8.81
C ILE B 63 -15.87 -0.04 -9.85
N LYS B 64 -15.81 -0.52 -11.11
CA LYS B 64 -16.78 -0.05 -12.10
C LYS B 64 -17.61 -1.03 -12.91
N LYS B 65 -18.07 -2.08 -12.22
CA LYS B 65 -19.02 -3.05 -12.78
C LYS B 65 -18.57 -3.66 -14.11
N LYS B 66 -17.78 -4.75 -14.06
CA LYS B 66 -17.32 -5.42 -15.29
C LYS B 66 -18.36 -5.44 -16.44
N ASP B 67 -18.00 -4.68 -17.49
CA ASP B 67 -18.79 -4.48 -18.71
C ASP B 67 -19.89 -3.39 -18.43
N SER B 68 -20.71 -3.56 -17.38
CA SER B 68 -21.81 -2.64 -17.03
C SER B 68 -21.46 -1.37 -16.21
N THR B 69 -20.48 -0.60 -16.72
CA THR B 69 -19.95 0.59 -16.06
C THR B 69 -20.95 1.56 -15.37
N LYS B 70 -20.96 1.43 -14.03
CA LYS B 70 -21.72 2.17 -12.99
C LYS B 70 -21.21 1.73 -11.58
N TRP B 71 -20.46 2.61 -10.91
CA TRP B 71 -19.82 2.37 -9.60
C TRP B 71 -20.31 1.31 -8.62
N ARG B 72 -19.42 0.37 -8.30
CA ARG B 72 -19.71 -0.67 -7.35
C ARG B 72 -18.72 -0.64 -6.18
N LYS B 73 -19.23 -1.01 -4.99
CA LYS B 73 -18.46 -1.02 -3.76
C LYS B 73 -17.68 -2.30 -3.74
N LEU B 74 -16.41 -2.26 -3.34
CA LEU B 74 -15.64 -3.50 -3.19
C LEU B 74 -14.96 -3.51 -1.82
N VAL B 75 -15.38 -4.39 -0.92
CA VAL B 75 -14.77 -4.45 0.43
C VAL B 75 -13.61 -5.46 0.43
N ASP B 76 -12.48 -5.03 0.93
CA ASP B 76 -11.33 -5.90 0.94
C ASP B 76 -11.32 -6.71 2.26
N PHE B 77 -11.94 -7.89 2.24
CA PHE B 77 -12.04 -8.79 3.40
C PHE B 77 -10.94 -9.89 3.36
N ARG B 78 -9.81 -9.66 2.71
CA ARG B 78 -8.81 -10.72 2.65
C ARG B 78 -8.37 -11.10 4.02
N GLU B 79 -8.27 -10.11 4.86
CA GLU B 79 -7.82 -10.29 6.22
C GLU B 79 -8.87 -11.08 6.99
N LEU B 80 -10.08 -10.49 7.11
CA LEU B 80 -11.17 -11.11 7.82
C LEU B 80 -11.34 -12.49 7.33
N ASN B 81 -11.16 -12.68 6.03
CA ASN B 81 -11.27 -14.02 5.39
C ASN B 81 -10.21 -15.00 5.85
N LYS B 82 -9.10 -14.49 6.34
CA LYS B 82 -8.04 -15.39 6.78
C LYS B 82 -8.40 -15.82 8.20
N ARG B 83 -8.84 -14.84 9.00
CA ARG B 83 -9.17 -15.09 10.40
C ARG B 83 -10.47 -15.92 10.53
N THR B 84 -11.21 -15.97 9.42
CA THR B 84 -12.50 -16.63 9.39
C THR B 84 -12.38 -18.01 8.76
N GLN B 85 -11.20 -18.30 8.22
CA GLN B 85 -10.86 -19.52 7.50
C GLN B 85 -11.29 -20.90 7.98
N ASP B 86 -11.56 -21.05 9.27
CA ASP B 86 -12.03 -22.33 9.88
C ASP B 86 -13.50 -22.49 9.50
N PHE B 87 -14.23 -21.40 9.69
CA PHE B 87 -15.64 -21.33 9.37
C PHE B 87 -15.96 -21.67 7.89
N TRP B 88 -15.46 -20.88 6.94
CA TRP B 88 -15.70 -21.14 5.53
C TRP B 88 -15.00 -22.37 4.97
N GLU B 89 -13.68 -22.39 5.02
CA GLU B 89 -12.96 -23.48 4.39
C GLU B 89 -13.23 -24.83 4.96
N VAL B 90 -13.38 -24.89 6.28
CA VAL B 90 -13.49 -26.17 6.94
C VAL B 90 -14.89 -26.68 7.25
N GLN B 91 -15.60 -25.99 8.16
CA GLN B 91 -16.94 -26.38 8.55
C GLN B 91 -17.88 -26.43 7.37
N LEU B 92 -18.03 -25.27 6.73
CA LEU B 92 -18.95 -25.08 5.61
C LEU B 92 -18.29 -24.98 4.23
N GLY B 93 -17.15 -25.63 4.06
CA GLY B 93 -16.40 -25.69 2.81
C GLY B 93 -17.22 -26.13 1.61
N ILE B 94 -17.12 -25.35 0.53
CA ILE B 94 -17.82 -25.57 -0.74
C ILE B 94 -16.85 -26.22 -1.72
N PRO B 95 -17.18 -27.44 -2.14
CA PRO B 95 -16.48 -28.44 -2.96
C PRO B 95 -16.25 -28.11 -4.45
N HIS B 96 -15.01 -28.35 -4.92
CA HIS B 96 -14.60 -28.12 -6.31
C HIS B 96 -14.86 -29.26 -7.32
N PRO B 97 -15.78 -28.99 -8.27
CA PRO B 97 -16.07 -29.96 -9.31
C PRO B 97 -14.82 -30.16 -10.15
N ALA B 98 -14.40 -31.40 -10.30
CA ALA B 98 -13.21 -31.67 -11.11
C ALA B 98 -13.50 -31.42 -12.58
N GLY B 99 -14.79 -31.46 -12.93
CA GLY B 99 -15.24 -31.39 -14.29
C GLY B 99 -15.21 -30.03 -14.87
N LEU B 100 -15.43 -29.02 -14.02
CA LEU B 100 -15.46 -27.63 -14.47
C LEU B 100 -14.29 -27.26 -15.41
N LYS B 101 -13.06 -27.67 -15.08
CA LYS B 101 -11.92 -27.40 -15.95
C LYS B 101 -11.99 -28.05 -17.34
N LYS B 102 -12.96 -28.94 -17.55
CA LYS B 102 -13.04 -29.63 -18.83
C LYS B 102 -14.16 -29.19 -19.80
N LYS B 103 -15.09 -28.39 -19.30
CA LYS B 103 -16.25 -27.95 -20.07
C LYS B 103 -15.90 -27.32 -21.43
N LYS B 104 -16.74 -27.49 -22.43
CA LYS B 104 -16.43 -26.84 -23.69
C LYS B 104 -16.62 -25.34 -23.39
N SER B 105 -17.46 -25.03 -22.39
CA SER B 105 -17.68 -23.63 -21.95
C SER B 105 -18.20 -23.36 -20.50
N VAL B 106 -17.68 -22.28 -19.94
CA VAL B 106 -18.00 -21.92 -18.55
C VAL B 106 -18.41 -20.45 -18.44
N THR B 107 -19.48 -20.22 -17.71
CA THR B 107 -20.02 -18.87 -17.56
C THR B 107 -20.09 -18.42 -16.09
N VAL B 108 -19.62 -17.22 -15.86
CA VAL B 108 -19.49 -16.68 -14.51
C VAL B 108 -20.62 -15.70 -14.28
N LEU B 109 -21.39 -15.95 -13.24
CA LEU B 109 -22.54 -15.07 -12.90
C LEU B 109 -22.37 -14.64 -11.48
N ASP B 110 -22.57 -13.36 -11.26
CA ASP B 110 -22.47 -12.76 -9.94
C ASP B 110 -23.79 -12.92 -9.20
N VAL B 111 -23.72 -13.56 -8.03
CA VAL B 111 -24.89 -13.88 -7.23
C VAL B 111 -24.76 -13.29 -5.82
N GLY B 112 -23.98 -12.21 -5.66
CA GLY B 112 -23.72 -11.62 -4.36
C GLY B 112 -24.87 -10.80 -3.80
N ASP B 113 -25.85 -10.52 -4.66
CA ASP B 113 -27.02 -9.78 -4.23
C ASP B 113 -27.93 -10.76 -3.52
N ALA B 114 -27.57 -12.03 -3.61
CA ALA B 114 -28.27 -13.07 -2.92
C ALA B 114 -28.08 -12.85 -1.41
N TYR B 115 -26.82 -12.68 -1.03
CA TYR B 115 -26.44 -12.48 0.39
C TYR B 115 -27.22 -11.43 1.14
N PHE B 116 -27.35 -10.24 0.58
CA PHE B 116 -28.05 -9.13 1.24
C PHE B 116 -29.27 -9.50 2.01
N SER B 117 -30.03 -10.44 1.43
CA SER B 117 -31.26 -10.98 1.99
C SER B 117 -31.04 -11.68 3.34
N VAL B 118 -30.31 -12.79 3.30
CA VAL B 118 -29.99 -13.56 4.48
C VAL B 118 -29.30 -12.64 5.49
N PRO B 119 -29.39 -12.95 6.80
CA PRO B 119 -28.83 -11.99 7.76
C PRO B 119 -27.63 -12.45 8.58
N LEU B 120 -26.91 -11.47 9.11
CA LEU B 120 -25.68 -11.76 9.81
C LEU B 120 -25.77 -11.88 11.32
N ASP B 121 -25.12 -12.93 11.84
CA ASP B 121 -25.01 -13.26 13.26
C ASP B 121 -24.71 -11.96 14.00
N GLU B 122 -25.65 -11.53 14.86
CA GLU B 122 -25.55 -10.26 15.58
C GLU B 122 -24.16 -10.10 16.20
N ASP B 123 -23.64 -11.22 16.66
CA ASP B 123 -22.34 -11.21 17.29
C ASP B 123 -21.13 -11.15 16.32
N PHE B 124 -21.30 -11.64 15.09
CA PHE B 124 -20.20 -11.56 14.11
C PHE B 124 -20.09 -10.19 13.47
N ARG B 125 -21.16 -9.45 13.39
CA ARG B 125 -21.09 -8.18 12.68
C ARG B 125 -20.02 -7.12 13.01
N LYS B 126 -19.30 -7.27 14.11
CA LYS B 126 -18.33 -6.23 14.38
C LYS B 126 -17.16 -6.40 13.44
N TYR B 127 -16.79 -7.65 13.21
CA TYR B 127 -15.62 -7.91 12.41
C TYR B 127 -15.65 -7.25 11.08
N THR B 128 -16.87 -6.89 10.67
CA THR B 128 -17.19 -6.38 9.32
C THR B 128 -17.22 -4.87 9.06
N ALA B 129 -16.63 -4.08 9.95
CA ALA B 129 -16.69 -2.65 9.86
C ALA B 129 -15.81 -2.12 8.78
N PHE B 130 -16.19 -0.97 8.23
CA PHE B 130 -15.42 -0.30 7.19
C PHE B 130 -15.68 1.17 7.30
N THR B 131 -14.75 1.97 6.79
CA THR B 131 -14.79 3.40 6.89
C THR B 131 -14.84 4.04 5.49
N ILE B 132 -15.57 5.15 5.38
CA ILE B 132 -15.67 5.87 4.10
C ILE B 132 -15.02 7.24 4.20
N PRO B 133 -13.72 7.30 4.24
CA PRO B 133 -12.86 8.47 4.32
C PRO B 133 -13.43 9.81 3.86
N SER B 134 -12.77 10.88 4.32
CA SER B 134 -13.13 12.23 3.83
C SER B 134 -11.91 12.59 3.01
N ILE B 135 -11.80 13.87 2.62
CA ILE B 135 -10.64 14.41 1.92
C ILE B 135 -10.02 15.45 2.81
N ASN B 136 -8.78 15.21 3.18
CA ASN B 136 -8.01 16.15 3.98
C ASN B 136 -8.50 16.22 5.35
N ASN B 137 -9.16 15.15 5.71
CA ASN B 137 -9.63 14.95 7.05
C ASN B 137 -10.47 16.08 7.67
N GLU B 138 -11.58 16.42 7.04
CA GLU B 138 -12.45 17.41 7.66
C GLU B 138 -13.49 16.64 8.51
N THR B 139 -14.29 15.88 7.77
CA THR B 139 -15.29 14.96 8.23
C THR B 139 -14.44 13.82 8.77
N PRO B 140 -14.92 13.07 9.80
CA PRO B 140 -14.17 11.86 10.13
C PRO B 140 -14.74 10.80 9.21
N GLY B 141 -14.22 9.61 9.30
CA GLY B 141 -14.74 8.61 8.39
C GLY B 141 -16.20 8.37 8.66
N ILE B 142 -16.92 7.94 7.63
CA ILE B 142 -18.29 7.57 7.84
C ILE B 142 -18.06 6.11 8.09
N ARG B 143 -18.30 5.66 9.32
CA ARG B 143 -18.03 4.28 9.71
C ARG B 143 -19.27 3.44 9.60
N TYR B 144 -19.12 2.20 9.14
CA TYR B 144 -20.28 1.34 9.00
C TYR B 144 -20.00 -0.09 9.46
N GLN B 145 -21.01 -0.93 9.35
CA GLN B 145 -20.86 -2.29 9.77
C GLN B 145 -22.09 -2.99 9.18
N TYR B 146 -21.97 -4.29 8.96
CA TYR B 146 -22.92 -5.11 8.21
C TYR B 146 -24.04 -5.75 9.00
N ASN B 147 -25.18 -6.01 8.36
CA ASN B 147 -26.24 -6.77 9.05
C ASN B 147 -26.70 -8.03 8.28
N VAL B 148 -26.08 -8.24 7.13
CA VAL B 148 -26.54 -9.26 6.21
C VAL B 148 -25.29 -9.67 5.50
N LEU B 149 -25.01 -10.98 5.47
CA LEU B 149 -23.82 -11.51 4.84
C LEU B 149 -23.18 -10.51 3.82
N PRO B 150 -21.86 -10.21 4.00
CA PRO B 150 -21.26 -9.28 3.06
C PRO B 150 -20.90 -9.99 1.77
N GLN B 151 -20.80 -9.18 0.70
CA GLN B 151 -20.25 -9.63 -0.55
C GLN B 151 -18.77 -9.54 -0.23
N GLY B 152 -17.92 -10.42 -0.78
CA GLY B 152 -16.51 -10.34 -0.41
C GLY B 152 -16.03 -11.17 0.81
N TRP B 153 -16.90 -11.41 1.77
CA TRP B 153 -16.55 -12.30 2.87
C TRP B 153 -16.95 -13.72 2.49
N LYS B 154 -15.98 -14.64 2.56
CA LYS B 154 -16.12 -16.04 2.19
C LYS B 154 -17.00 -16.88 3.10
N GLY B 155 -17.37 -16.35 4.25
CA GLY B 155 -18.24 -17.10 5.14
C GLY B 155 -19.62 -17.21 4.51
N SER B 156 -20.02 -16.13 3.87
CA SER B 156 -21.28 -16.01 3.17
C SER B 156 -21.68 -17.16 2.22
N PRO B 157 -20.85 -17.47 1.19
CA PRO B 157 -21.29 -18.56 0.31
C PRO B 157 -21.45 -19.85 1.08
N ALA B 158 -20.63 -19.95 2.12
CA ALA B 158 -20.54 -21.09 3.00
C ALA B 158 -21.81 -21.20 3.85
N ILE B 159 -22.41 -20.04 4.12
CA ILE B 159 -23.66 -19.96 4.86
C ILE B 159 -24.74 -20.30 3.79
N PHE B 160 -25.00 -19.36 2.88
CA PHE B 160 -25.95 -19.51 1.76
C PHE B 160 -26.02 -20.82 0.96
N GLN B 161 -24.92 -21.59 0.99
CA GLN B 161 -24.80 -22.92 0.36
C GLN B 161 -26.14 -23.68 0.37
N SER B 162 -26.76 -23.81 1.55
CA SER B 162 -28.04 -24.50 1.69
C SER B 162 -29.21 -23.87 0.90
N SER B 163 -29.19 -22.55 0.74
CA SER B 163 -30.26 -21.85 0.00
C SER B 163 -29.93 -21.84 -1.47
N MET B 164 -28.64 -22.00 -1.78
CA MET B 164 -28.29 -22.07 -3.17
C MET B 164 -28.64 -23.46 -3.69
N THR B 165 -28.45 -24.51 -2.92
CA THR B 165 -28.82 -25.80 -3.49
C THR B 165 -30.34 -25.92 -3.72
N LYS B 166 -31.10 -25.12 -2.99
CA LYS B 166 -32.55 -25.14 -3.18
C LYS B 166 -32.84 -24.43 -4.51
N ILE B 167 -32.28 -23.26 -4.68
CA ILE B 167 -32.43 -22.46 -5.90
C ILE B 167 -32.14 -23.31 -7.15
N LEU B 168 -30.99 -23.96 -7.18
CA LEU B 168 -30.60 -24.73 -8.35
C LEU B 168 -31.16 -26.13 -8.45
N GLU B 169 -31.78 -26.65 -7.40
CA GLU B 169 -32.23 -28.03 -7.42
C GLU B 169 -33.13 -28.46 -8.56
N PRO B 170 -33.99 -27.53 -9.06
CA PRO B 170 -34.81 -27.94 -10.19
C PRO B 170 -33.98 -27.79 -11.44
N PHE B 171 -33.16 -26.76 -11.53
CA PHE B 171 -32.36 -26.63 -12.74
C PHE B 171 -31.32 -27.74 -12.76
N ARG B 172 -30.72 -28.00 -11.61
CA ARG B 172 -29.72 -29.04 -11.55
C ARG B 172 -30.44 -30.38 -11.93
N LYS B 173 -31.62 -30.63 -11.34
CA LYS B 173 -32.42 -31.82 -11.65
C LYS B 173 -32.73 -31.99 -13.14
N GLN B 174 -33.03 -30.88 -13.80
CA GLN B 174 -33.38 -30.86 -15.23
C GLN B 174 -32.21 -30.92 -16.19
N ASN B 175 -31.00 -30.60 -15.71
CA ASN B 175 -29.80 -30.66 -16.54
C ASN B 175 -28.64 -31.12 -15.68
N PRO B 176 -28.67 -32.40 -15.29
CA PRO B 176 -27.70 -33.06 -14.41
C PRO B 176 -26.27 -33.11 -15.03
N ASP B 177 -26.10 -32.68 -16.27
CA ASP B 177 -24.77 -32.61 -16.83
C ASP B 177 -24.14 -31.20 -16.86
N ILE B 178 -24.82 -30.30 -16.17
CA ILE B 178 -24.39 -28.94 -16.00
C ILE B 178 -23.71 -28.85 -14.66
N VAL B 179 -22.50 -28.30 -14.71
CA VAL B 179 -21.68 -28.16 -13.52
C VAL B 179 -21.86 -26.76 -12.99
N ILE B 180 -22.27 -26.67 -11.72
CA ILE B 180 -22.43 -25.37 -11.06
C ILE B 180 -21.40 -25.41 -9.95
N TYR B 181 -20.64 -24.33 -9.83
CA TYR B 181 -19.61 -24.31 -8.81
C TYR B 181 -19.67 -22.90 -8.38
N GLN B 182 -19.83 -22.67 -7.08
CA GLN B 182 -19.95 -21.31 -6.55
C GLN B 182 -18.70 -20.92 -5.78
N TYR B 183 -18.05 -19.87 -6.22
CA TYR B 183 -16.84 -19.42 -5.55
C TYR B 183 -17.07 -17.98 -5.17
N MET B 184 -17.35 -17.79 -3.89
CA MET B 184 -17.58 -16.46 -3.38
C MET B 184 -18.88 -15.81 -3.91
N ASP B 185 -18.77 -14.74 -4.68
CA ASP B 185 -19.92 -14.00 -5.17
C ASP B 185 -20.35 -14.41 -6.58
N ASP B 186 -19.63 -15.41 -7.13
CA ASP B 186 -19.89 -15.86 -8.49
C ASP B 186 -20.29 -17.33 -8.53
N LEU B 187 -21.11 -17.66 -9.53
CA LEU B 187 -21.46 -19.06 -9.76
C LEU B 187 -20.78 -19.37 -11.08
N TYR B 188 -20.14 -20.53 -11.16
CA TYR B 188 -19.52 -20.96 -12.39
C TYR B 188 -20.41 -21.98 -13.01
N VAL B 189 -20.88 -21.73 -14.25
CA VAL B 189 -21.76 -22.65 -14.92
C VAL B 189 -21.16 -23.30 -16.14
N GLY B 190 -20.76 -24.56 -16.04
CA GLY B 190 -20.17 -25.22 -17.18
C GLY B 190 -20.99 -26.31 -17.88
N SER B 191 -20.80 -26.39 -19.20
CA SER B 191 -21.50 -27.38 -20.02
C SER B 191 -20.75 -27.70 -21.32
N ASP B 192 -21.14 -28.83 -21.91
CA ASP B 192 -20.52 -29.25 -23.15
C ASP B 192 -21.44 -28.92 -24.34
N LEU B 193 -22.55 -28.27 -24.03
CA LEU B 193 -23.56 -27.82 -25.01
C LEU B 193 -22.90 -27.05 -26.12
N GLU B 194 -23.67 -26.79 -27.16
CA GLU B 194 -23.20 -25.96 -28.24
C GLU B 194 -23.35 -24.58 -27.62
N ILE B 195 -22.69 -23.57 -28.18
CA ILE B 195 -22.79 -22.23 -27.57
C ILE B 195 -24.17 -21.61 -27.39
N GLY B 196 -25.01 -21.66 -28.43
CA GLY B 196 -26.37 -21.16 -28.40
C GLY B 196 -27.18 -21.93 -27.38
N GLN B 197 -26.92 -23.24 -27.24
CA GLN B 197 -27.62 -24.11 -26.24
C GLN B 197 -27.09 -23.67 -24.88
N HIS B 198 -25.77 -23.48 -24.80
CA HIS B 198 -25.17 -23.08 -23.55
C HIS B 198 -25.85 -21.75 -23.15
N ARG B 199 -25.64 -20.73 -23.98
CA ARG B 199 -26.20 -19.41 -23.79
C ARG B 199 -27.66 -19.48 -23.34
N THR B 200 -28.40 -20.42 -23.90
CA THR B 200 -29.79 -20.65 -23.50
C THR B 200 -29.88 -21.24 -22.11
N LYS B 201 -29.11 -22.29 -21.88
CA LYS B 201 -29.18 -22.93 -20.58
C LYS B 201 -28.88 -21.93 -19.47
N ILE B 202 -28.05 -20.94 -19.79
CA ILE B 202 -27.67 -19.91 -18.83
C ILE B 202 -28.72 -18.81 -18.65
N GLU B 203 -29.55 -18.62 -19.68
CA GLU B 203 -30.65 -17.66 -19.59
C GLU B 203 -31.66 -18.31 -18.67
N GLU B 204 -32.04 -19.57 -18.97
CA GLU B 204 -32.97 -20.29 -18.09
C GLU B 204 -32.46 -20.21 -16.65
N LEU B 205 -31.19 -20.56 -16.49
CA LEU B 205 -30.62 -20.62 -15.17
C LEU B 205 -30.75 -19.26 -14.53
N ARG B 206 -30.75 -18.22 -15.35
CA ARG B 206 -30.84 -16.85 -14.86
C ARG B 206 -32.19 -16.52 -14.20
N GLN B 207 -33.30 -17.01 -14.77
CA GLN B 207 -34.66 -16.78 -14.26
C GLN B 207 -34.86 -17.46 -12.93
N HIS B 208 -34.38 -18.70 -12.86
CA HIS B 208 -34.51 -19.48 -11.65
C HIS B 208 -34.03 -18.61 -10.51
N LEU B 209 -32.94 -17.92 -10.79
CA LEU B 209 -32.23 -17.10 -9.85
C LEU B 209 -33.10 -15.92 -9.48
N LEU B 210 -33.56 -15.22 -10.51
CA LEU B 210 -34.43 -14.05 -10.41
C LEU B 210 -35.63 -14.30 -9.47
N ARG B 211 -35.93 -15.57 -9.27
CA ARG B 211 -37.11 -15.94 -8.52
C ARG B 211 -36.81 -15.76 -7.04
N TRP B 212 -35.53 -15.59 -6.78
CA TRP B 212 -35.09 -15.41 -5.41
C TRP B 212 -34.59 -14.01 -5.13
N GLY B 213 -34.32 -13.28 -6.20
CA GLY B 213 -33.88 -11.90 -6.12
C GLY B 213 -32.50 -11.71 -6.69
N LEU B 214 -32.01 -12.65 -7.48
CA LEU B 214 -30.68 -12.47 -8.04
C LEU B 214 -30.75 -12.16 -9.53
N THR B 215 -30.90 -10.86 -9.77
CA THR B 215 -31.08 -10.29 -11.10
C THR B 215 -29.78 -9.78 -11.76
N THR B 216 -29.91 -9.32 -13.01
CA THR B 216 -28.86 -8.67 -13.84
C THR B 216 -29.26 -8.06 -15.23
N PRO B 217 -30.53 -7.55 -15.39
CA PRO B 217 -30.91 -6.93 -16.68
C PRO B 217 -30.43 -5.48 -16.85
N MET B 230 -23.97 -13.01 -20.89
CA MET B 230 -23.36 -13.56 -19.67
C MET B 230 -21.80 -13.57 -19.61
N GLY B 231 -21.26 -13.92 -18.45
CA GLY B 231 -19.81 -13.97 -18.21
C GLY B 231 -19.08 -12.63 -18.26
N TYR B 232 -17.80 -12.58 -18.65
CA TYR B 232 -16.94 -13.69 -19.07
C TYR B 232 -17.50 -15.05 -19.56
N GLU B 233 -17.39 -15.28 -20.87
CA GLU B 233 -17.70 -16.56 -21.51
C GLU B 233 -16.35 -17.33 -21.66
N LEU B 234 -16.07 -18.27 -20.74
CA LEU B 234 -14.79 -19.02 -20.70
C LEU B 234 -14.89 -20.35 -21.41
N HIS B 235 -13.76 -20.82 -21.88
CA HIS B 235 -13.76 -22.17 -22.45
C HIS B 235 -12.53 -22.89 -21.85
N PRO B 236 -12.74 -23.71 -20.79
CA PRO B 236 -11.53 -24.32 -20.19
C PRO B 236 -10.95 -25.39 -21.10
N ASP B 237 -11.84 -25.99 -21.88
CA ASP B 237 -11.52 -27.00 -22.90
C ASP B 237 -10.30 -26.59 -23.71
N LYS B 238 -10.28 -25.34 -24.15
CA LYS B 238 -9.23 -24.82 -25.01
C LYS B 238 -8.04 -24.20 -24.27
N TRP B 239 -7.88 -24.59 -23.00
CA TRP B 239 -6.76 -24.06 -22.18
C TRP B 239 -5.63 -25.04 -22.35
N THR B 240 -4.82 -24.77 -23.37
CA THR B 240 -3.66 -25.59 -23.69
C THR B 240 -2.41 -24.84 -23.20
N VAL B 241 -1.25 -25.50 -23.29
CA VAL B 241 0.04 -25.01 -22.74
C VAL B 241 0.78 -23.84 -23.39
N GLN B 242 2.08 -23.88 -23.10
CA GLN B 242 3.19 -23.07 -23.66
C GLN B 242 4.46 -23.91 -23.39
N PRO B 243 4.89 -24.74 -24.39
CA PRO B 243 6.14 -25.49 -24.21
C PRO B 243 7.19 -24.42 -23.86
N ILE B 244 8.25 -24.77 -23.15
CA ILE B 244 9.18 -23.69 -22.79
C ILE B 244 9.63 -23.04 -24.08
N VAL B 245 9.50 -23.82 -25.16
CA VAL B 245 9.78 -23.41 -26.55
C VAL B 245 11.20 -23.03 -26.92
N LEU B 246 11.88 -23.95 -27.62
CA LEU B 246 13.23 -23.70 -28.09
C LEU B 246 13.03 -23.36 -29.55
N PRO B 247 13.97 -22.60 -30.13
CA PRO B 247 13.91 -22.21 -31.54
C PRO B 247 14.34 -23.32 -32.52
N GLU B 248 13.81 -23.24 -33.75
CA GLU B 248 14.13 -24.18 -34.81
C GLU B 248 15.52 -23.94 -35.44
N LYS B 249 16.26 -25.06 -35.55
CA LYS B 249 17.67 -25.11 -35.98
C LYS B 249 18.29 -24.07 -36.93
N ASP B 250 19.16 -24.63 -37.78
CA ASP B 250 19.88 -23.93 -38.84
C ASP B 250 21.38 -23.73 -38.62
N SER B 251 21.74 -22.46 -38.58
CA SER B 251 23.09 -21.97 -38.34
C SER B 251 23.03 -21.30 -36.98
N TRP B 252 23.57 -21.99 -35.97
CA TRP B 252 23.57 -21.47 -34.61
C TRP B 252 24.90 -20.84 -34.25
N THR B 253 24.88 -19.60 -33.75
CA THR B 253 26.11 -18.92 -33.33
C THR B 253 26.49 -19.45 -31.98
N VAL B 254 27.57 -18.91 -31.43
CA VAL B 254 27.97 -19.31 -30.08
C VAL B 254 26.99 -18.77 -29.05
N ASN B 255 26.65 -17.51 -29.24
CA ASN B 255 25.64 -16.75 -28.48
C ASN B 255 24.31 -17.54 -28.37
N ASP B 256 23.89 -18.14 -29.48
CA ASP B 256 22.63 -18.87 -29.52
C ASP B 256 22.74 -20.25 -28.87
N ILE B 257 23.93 -20.83 -28.90
CA ILE B 257 24.11 -22.13 -28.26
C ILE B 257 24.09 -21.91 -26.74
N GLN B 258 24.82 -20.87 -26.38
CA GLN B 258 24.93 -20.38 -25.02
C GLN B 258 23.56 -20.00 -24.47
N LYS B 259 22.65 -19.63 -25.37
CA LYS B 259 21.31 -19.20 -24.98
C LYS B 259 20.26 -20.31 -24.98
N LEU B 260 20.62 -21.48 -25.47
CA LEU B 260 19.67 -22.57 -25.50
C LEU B 260 20.10 -23.49 -24.40
N VAL B 261 21.40 -23.51 -24.20
CA VAL B 261 21.95 -24.34 -23.15
C VAL B 261 21.44 -23.72 -21.84
N GLY B 262 21.20 -22.41 -21.88
CA GLY B 262 20.66 -21.67 -20.78
C GLY B 262 19.20 -22.02 -20.55
N LYS B 263 18.39 -21.96 -21.60
CA LYS B 263 16.96 -22.24 -21.46
C LYS B 263 16.79 -23.69 -20.97
N LEU B 264 17.46 -24.59 -21.68
CA LEU B 264 17.45 -26.04 -21.41
C LEU B 264 17.93 -26.35 -20.01
N ASN B 265 18.94 -25.62 -19.57
CA ASN B 265 19.45 -25.78 -18.22
C ASN B 265 18.29 -25.56 -17.27
N TRP B 266 17.66 -24.40 -17.36
CA TRP B 266 16.51 -24.02 -16.55
C TRP B 266 15.27 -24.97 -16.58
N ALA B 267 14.83 -25.37 -17.77
CA ALA B 267 13.75 -26.36 -17.90
C ALA B 267 14.13 -27.74 -17.32
N SER B 268 15.44 -28.02 -17.29
CA SER B 268 15.93 -29.30 -16.79
C SER B 268 15.54 -29.42 -15.34
N GLN B 269 15.42 -28.24 -14.72
CA GLN B 269 15.09 -28.07 -13.32
C GLN B 269 13.63 -28.42 -13.03
N ILE B 270 12.81 -28.39 -14.08
CA ILE B 270 11.36 -28.62 -14.02
C ILE B 270 11.03 -29.94 -14.76
N TYR B 271 11.64 -30.12 -15.94
CA TYR B 271 11.34 -31.27 -16.76
C TYR B 271 12.35 -32.37 -16.62
N PRO B 272 11.88 -33.61 -16.45
CA PRO B 272 12.78 -34.73 -16.28
C PRO B 272 13.77 -35.14 -17.41
N GLY B 273 13.26 -35.82 -18.44
CA GLY B 273 14.13 -36.34 -19.50
C GLY B 273 15.09 -35.37 -20.18
N ILE B 274 15.27 -34.17 -19.58
CA ILE B 274 16.10 -33.08 -20.14
C ILE B 274 17.57 -33.42 -20.15
N LYS B 275 18.30 -32.87 -21.14
CA LYS B 275 19.75 -33.11 -21.31
C LYS B 275 20.35 -31.99 -22.12
N VAL B 276 21.58 -31.58 -21.81
CA VAL B 276 22.24 -30.47 -22.51
C VAL B 276 23.75 -30.62 -22.62
N ARG B 277 24.22 -31.85 -22.39
CA ARG B 277 25.64 -32.14 -22.50
C ARG B 277 26.12 -32.12 -23.97
N GLN B 278 25.28 -32.67 -24.85
CA GLN B 278 25.60 -32.70 -26.27
C GLN B 278 26.00 -31.32 -26.78
N LEU B 279 25.08 -30.37 -26.56
CA LEU B 279 25.25 -28.97 -26.99
C LEU B 279 26.18 -28.20 -26.08
N CYS B 280 26.17 -28.52 -24.80
CA CYS B 280 27.05 -27.84 -23.86
C CYS B 280 28.49 -28.04 -24.27
N LYS B 281 28.74 -29.21 -24.87
CA LYS B 281 30.06 -29.58 -25.36
C LYS B 281 30.66 -28.39 -26.09
N LEU B 282 30.08 -28.08 -27.26
CA LEU B 282 30.53 -26.98 -28.12
C LEU B 282 30.97 -25.66 -27.42
N LEU B 283 30.57 -25.47 -26.16
CA LEU B 283 30.81 -24.24 -25.40
C LEU B 283 32.07 -24.11 -24.53
N ARG B 284 32.85 -25.18 -24.49
CA ARG B 284 34.16 -25.18 -23.82
C ARG B 284 35.13 -24.43 -24.79
N GLY B 285 35.17 -23.12 -24.62
CA GLY B 285 36.00 -22.35 -25.49
C GLY B 285 36.29 -20.98 -24.96
N THR B 286 36.54 -20.10 -25.89
CA THR B 286 36.87 -18.73 -25.63
C THR B 286 36.74 -18.25 -27.06
N LYS B 287 35.68 -18.76 -27.68
CA LYS B 287 35.32 -18.47 -29.05
C LYS B 287 34.50 -17.23 -28.98
N ALA B 288 34.59 -16.43 -30.02
CA ALA B 288 33.81 -15.23 -30.13
C ALA B 288 32.38 -15.74 -30.35
N LEU B 289 31.36 -15.10 -29.76
CA LEU B 289 29.97 -15.57 -29.88
C LEU B 289 29.23 -15.27 -31.17
N THR B 290 29.78 -14.38 -32.00
CA THR B 290 29.17 -14.12 -33.31
C THR B 290 29.53 -15.34 -34.23
N GLU B 291 30.58 -16.06 -33.84
CA GLU B 291 31.14 -17.14 -34.61
C GLU B 291 30.14 -18.24 -34.72
N VAL B 292 29.94 -18.73 -35.95
CA VAL B 292 29.01 -19.84 -36.17
C VAL B 292 29.63 -21.14 -35.79
N ILE B 293 28.78 -22.10 -35.49
CA ILE B 293 29.20 -23.41 -35.07
C ILE B 293 28.21 -24.45 -35.56
N PRO B 294 28.74 -25.52 -36.19
CA PRO B 294 27.98 -26.64 -36.74
C PRO B 294 27.39 -27.46 -35.61
N LEU B 295 26.27 -28.11 -35.87
CA LEU B 295 25.64 -28.92 -34.85
C LEU B 295 25.93 -30.43 -35.01
N THR B 296 26.88 -30.95 -34.22
CA THR B 296 27.20 -32.37 -34.27
C THR B 296 25.91 -33.06 -33.95
N GLU B 297 25.43 -33.80 -34.95
CA GLU B 297 24.18 -34.54 -34.95
C GLU B 297 23.72 -35.05 -33.58
N GLU B 298 24.65 -35.62 -32.82
CA GLU B 298 24.31 -36.10 -31.48
C GLU B 298 23.58 -35.01 -30.67
N ALA B 299 23.83 -33.74 -31.05
CA ALA B 299 23.21 -32.58 -30.38
C ALA B 299 21.84 -32.24 -30.97
N GLU B 300 21.61 -32.60 -32.23
CA GLU B 300 20.32 -32.40 -32.87
C GLU B 300 19.40 -33.45 -32.26
N LEU B 301 20.03 -34.50 -31.75
CA LEU B 301 19.35 -35.61 -31.10
C LEU B 301 18.93 -35.18 -29.68
N GLU B 302 19.86 -34.55 -28.98
CA GLU B 302 19.61 -34.04 -27.63
C GLU B 302 18.61 -32.90 -27.72
N LEU B 303 18.87 -31.98 -28.65
CA LEU B 303 18.02 -30.83 -28.88
C LEU B 303 16.61 -31.30 -29.05
N ALA B 304 16.40 -32.22 -29.96
CA ALA B 304 15.05 -32.69 -30.25
C ALA B 304 14.36 -33.45 -29.13
N GLU B 305 15.08 -34.37 -28.47
CA GLU B 305 14.52 -35.18 -27.39
C GLU B 305 13.85 -34.26 -26.39
N ASN B 306 14.53 -33.16 -26.09
CA ASN B 306 13.99 -32.14 -25.17
C ASN B 306 12.74 -31.47 -25.78
N ARG B 307 12.83 -31.12 -27.05
CA ARG B 307 11.74 -30.42 -27.73
C ARG B 307 10.43 -31.17 -27.54
N GLU B 308 10.53 -32.49 -27.65
CA GLU B 308 9.37 -33.37 -27.51
C GLU B 308 8.81 -33.21 -26.11
N ILE B 309 9.69 -33.37 -25.13
CA ILE B 309 9.28 -33.23 -23.75
C ILE B 309 8.52 -31.96 -23.49
N LEU B 310 9.10 -30.82 -23.89
CA LEU B 310 8.58 -29.47 -23.62
C LEU B 310 7.07 -29.16 -23.71
N LYS B 311 6.36 -30.05 -24.37
CA LYS B 311 4.92 -29.95 -24.53
C LYS B 311 4.31 -31.15 -23.81
N GLU B 312 4.83 -31.47 -22.62
CA GLU B 312 4.38 -32.67 -21.92
C GLU B 312 4.65 -32.61 -20.40
N PRO B 313 3.59 -32.27 -19.64
CA PRO B 313 3.13 -32.09 -18.26
C PRO B 313 4.14 -32.40 -17.12
N VAL B 314 5.28 -31.70 -17.17
CA VAL B 314 6.36 -31.89 -16.19
C VAL B 314 6.60 -33.38 -15.98
N HIS B 315 5.72 -33.91 -15.12
CA HIS B 315 5.58 -35.31 -14.77
C HIS B 315 5.17 -35.61 -13.33
N GLY B 316 6.01 -35.25 -12.37
CA GLY B 316 5.63 -35.59 -11.01
C GLY B 316 4.94 -34.49 -10.24
N VAL B 317 4.32 -33.57 -10.98
CA VAL B 317 3.71 -32.42 -10.33
C VAL B 317 2.19 -32.51 -10.19
N TYR B 318 1.79 -32.52 -8.93
CA TYR B 318 0.42 -32.67 -8.57
C TYR B 318 -0.04 -31.62 -7.58
N TYR B 319 -1.29 -31.18 -7.73
CA TYR B 319 -1.95 -30.22 -6.87
C TYR B 319 -2.10 -30.73 -5.42
N ASP B 320 -1.43 -30.07 -4.46
CA ASP B 320 -1.57 -30.47 -3.09
C ASP B 320 -2.35 -29.39 -2.42
N PRO B 321 -3.62 -29.66 -2.10
CA PRO B 321 -4.78 -28.97 -1.51
C PRO B 321 -4.50 -28.40 -0.14
N SER B 322 -3.53 -29.02 0.51
CA SER B 322 -3.08 -28.54 1.80
C SER B 322 -2.33 -27.22 1.56
N LYS B 323 -1.63 -27.15 0.40
CA LYS B 323 -0.76 -26.02 -0.01
C LYS B 323 -1.32 -24.80 -0.78
N ASP B 324 -0.75 -23.63 -0.50
CA ASP B 324 -1.12 -22.38 -1.19
C ASP B 324 -0.75 -22.52 -2.68
N LEU B 325 -1.22 -21.57 -3.47
CA LEU B 325 -0.90 -21.54 -4.88
C LEU B 325 -0.04 -20.30 -5.03
N ILE B 326 0.85 -20.30 -6.00
CA ILE B 326 1.69 -19.13 -6.22
C ILE B 326 1.67 -18.78 -7.67
N ALA B 327 1.74 -17.49 -7.95
CA ALA B 327 1.72 -17.12 -9.33
C ALA B 327 2.74 -16.04 -9.60
N GLU B 328 3.62 -16.30 -10.59
CA GLU B 328 4.58 -15.31 -11.08
C GLU B 328 4.14 -14.84 -12.45
N ILE B 329 4.47 -13.61 -12.79
CA ILE B 329 3.99 -12.93 -14.00
C ILE B 329 5.15 -12.12 -14.53
N GLN B 330 5.51 -12.33 -15.79
CA GLN B 330 6.61 -11.61 -16.39
C GLN B 330 6.19 -10.56 -17.43
N LYS B 331 6.88 -9.44 -17.45
CA LYS B 331 6.53 -8.50 -18.49
C LYS B 331 7.39 -8.84 -19.71
N GLN B 332 6.73 -9.12 -20.84
CA GLN B 332 7.43 -9.49 -22.10
C GLN B 332 7.53 -8.36 -23.15
N GLY B 333 6.83 -7.26 -22.92
CA GLY B 333 6.85 -6.10 -23.80
C GLY B 333 5.94 -6.48 -24.91
N GLN B 334 5.54 -5.50 -25.73
CA GLN B 334 4.70 -5.79 -26.90
C GLN B 334 3.28 -6.24 -26.50
N GLY B 335 2.88 -5.86 -25.27
CA GLY B 335 1.58 -6.19 -24.69
C GLY B 335 1.47 -7.64 -24.19
N GLN B 336 2.59 -8.36 -24.24
CA GLN B 336 2.64 -9.73 -23.79
C GLN B 336 3.04 -9.76 -22.33
N TRP B 337 2.64 -10.80 -21.62
CA TRP B 337 2.98 -11.04 -20.20
C TRP B 337 2.79 -12.53 -20.11
N THR B 338 3.65 -13.24 -19.38
CA THR B 338 3.59 -14.69 -19.26
C THR B 338 3.29 -15.09 -17.79
N TYR B 339 2.85 -16.33 -17.55
CA TYR B 339 2.62 -16.69 -16.18
C TYR B 339 2.82 -18.13 -15.74
N GLN B 340 3.33 -18.31 -14.51
CA GLN B 340 3.52 -19.66 -13.95
C GLN B 340 2.75 -19.83 -12.66
N ILE B 341 2.05 -20.95 -12.56
CA ILE B 341 1.31 -21.20 -11.37
C ILE B 341 1.91 -22.49 -10.87
N TYR B 342 2.32 -22.44 -9.60
CA TYR B 342 2.92 -23.59 -8.94
C TYR B 342 2.69 -23.49 -7.44
N GLN B 343 2.95 -24.62 -6.77
CA GLN B 343 2.82 -24.70 -5.34
C GLN B 343 4.25 -24.76 -4.75
N GLU B 344 5.11 -25.62 -5.31
CA GLU B 344 6.50 -25.62 -4.86
C GLU B 344 7.45 -25.30 -6.00
N PRO B 345 8.03 -24.08 -6.00
CA PRO B 345 8.98 -23.44 -6.91
C PRO B 345 9.63 -24.41 -7.90
N PHE B 346 9.42 -24.11 -9.18
CA PHE B 346 9.86 -24.92 -10.30
C PHE B 346 8.78 -25.94 -10.64
N LYS B 347 8.05 -26.39 -9.63
CA LYS B 347 7.00 -27.39 -9.85
C LYS B 347 5.76 -26.71 -10.43
N ASN B 348 5.81 -26.43 -11.73
CA ASN B 348 4.74 -25.72 -12.42
C ASN B 348 3.55 -26.65 -12.65
N LEU B 349 2.37 -26.19 -12.26
CA LEU B 349 1.12 -26.90 -12.53
C LEU B 349 0.33 -26.11 -13.59
N LYS B 350 0.87 -25.03 -14.14
CA LYS B 350 0.07 -24.21 -15.03
C LYS B 350 0.89 -23.03 -15.43
N THR B 351 1.06 -22.89 -16.73
CA THR B 351 1.84 -21.79 -17.24
C THR B 351 1.29 -21.35 -18.57
N GLY B 352 0.42 -20.33 -18.56
CA GLY B 352 -0.08 -19.75 -19.77
C GLY B 352 0.58 -18.42 -20.11
N LYS B 353 -0.24 -17.51 -20.64
CA LYS B 353 0.23 -16.22 -21.05
C LYS B 353 -0.90 -15.33 -21.51
N TYR B 354 -0.97 -14.13 -20.95
CA TYR B 354 -1.97 -13.20 -21.38
C TYR B 354 -1.32 -12.08 -22.23
N ALA B 355 -1.98 -11.75 -23.33
CA ALA B 355 -1.54 -10.73 -24.26
C ALA B 355 -2.51 -9.53 -24.47
N ARG B 356 -1.91 -8.33 -24.63
CA ARG B 356 -2.68 -7.11 -24.81
C ARG B 356 -3.83 -7.12 -25.75
N MET B 357 -4.88 -6.50 -25.25
CA MET B 357 -6.09 -6.22 -25.99
C MET B 357 -6.06 -4.67 -25.92
N ARG B 358 -5.75 -4.01 -27.04
CA ARG B 358 -5.61 -2.54 -27.10
C ARG B 358 -6.75 -1.56 -26.64
N GLY B 359 -6.47 -0.27 -26.83
CA GLY B 359 -7.33 0.85 -26.41
C GLY B 359 -6.44 1.70 -25.51
N ALA B 360 -6.20 1.20 -24.30
CA ALA B 360 -5.25 1.78 -23.36
C ALA B 360 -3.98 1.04 -23.80
N HIS B 361 -3.70 1.24 -25.10
CA HIS B 361 -2.59 0.69 -25.89
C HIS B 361 -1.31 0.67 -25.05
N THR B 362 -0.98 1.82 -24.45
CA THR B 362 0.22 1.92 -23.61
C THR B 362 -0.02 2.05 -22.06
N ASN B 363 -0.75 1.10 -21.46
CA ASN B 363 -0.99 1.07 -20.03
C ASN B 363 -0.51 -0.23 -19.38
N ASP B 364 0.68 -0.19 -18.77
CA ASP B 364 1.35 -1.35 -18.18
C ASP B 364 0.55 -1.87 -16.99
N VAL B 365 -0.09 -0.97 -16.26
CA VAL B 365 -0.89 -1.39 -15.10
C VAL B 365 -2.23 -1.90 -15.60
N LYS B 366 -2.75 -1.28 -16.66
CA LYS B 366 -4.04 -1.73 -17.16
C LYS B 366 -3.93 -3.18 -17.52
N GLN B 367 -2.75 -3.57 -17.99
CA GLN B 367 -2.47 -4.93 -18.41
C GLN B 367 -2.20 -5.93 -17.32
N LEU B 368 -1.37 -5.55 -16.37
CA LEU B 368 -1.08 -6.42 -15.26
C LEU B 368 -2.35 -6.70 -14.55
N THR B 369 -3.18 -5.69 -14.37
CA THR B 369 -4.43 -5.94 -13.68
C THR B 369 -5.33 -6.93 -14.38
N GLU B 370 -5.36 -6.90 -15.72
CA GLU B 370 -6.15 -7.89 -16.43
C GLU B 370 -5.62 -9.32 -16.37
N ALA B 371 -4.31 -9.48 -16.30
CA ALA B 371 -3.71 -10.82 -16.30
C ALA B 371 -3.88 -11.41 -14.90
N VAL B 372 -3.83 -10.56 -13.91
CA VAL B 372 -4.04 -11.05 -12.60
C VAL B 372 -5.49 -11.56 -12.54
N GLN B 373 -6.42 -10.95 -13.23
CA GLN B 373 -7.75 -11.53 -13.12
C GLN B 373 -7.91 -12.72 -14.07
N LYS B 374 -7.21 -12.75 -15.20
CA LYS B 374 -7.37 -13.89 -16.08
C LYS B 374 -6.88 -15.14 -15.34
N ILE B 375 -5.67 -15.06 -14.77
CA ILE B 375 -5.09 -16.15 -14.02
C ILE B 375 -5.89 -16.50 -12.78
N THR B 376 -6.42 -15.49 -12.05
CA THR B 376 -7.18 -15.78 -10.84
C THR B 376 -8.39 -16.57 -11.24
N THR B 377 -9.07 -16.10 -12.26
CA THR B 377 -10.22 -16.81 -12.79
C THR B 377 -9.97 -18.28 -13.09
N GLU B 378 -8.92 -18.56 -13.86
CA GLU B 378 -8.56 -19.93 -14.21
C GLU B 378 -8.16 -20.80 -13.04
N SER B 379 -7.57 -20.27 -11.95
CA SER B 379 -7.28 -21.17 -10.80
C SER B 379 -8.61 -21.48 -10.21
N ILE B 380 -9.43 -20.43 -10.07
CA ILE B 380 -10.76 -20.66 -9.53
C ILE B 380 -11.50 -21.81 -10.22
N VAL B 381 -11.28 -21.96 -11.54
CA VAL B 381 -11.85 -22.99 -12.39
C VAL B 381 -11.02 -24.29 -12.32
N ILE B 382 -9.72 -24.21 -12.02
CA ILE B 382 -8.95 -25.45 -12.01
C ILE B 382 -8.73 -26.08 -10.67
N TRP B 383 -8.60 -25.28 -9.61
CA TRP B 383 -8.28 -25.77 -8.28
C TRP B 383 -9.31 -25.29 -7.27
N GLY B 384 -10.10 -24.27 -7.64
CA GLY B 384 -11.16 -23.68 -6.82
C GLY B 384 -10.61 -22.81 -5.72
N LYS B 385 -9.60 -22.00 -6.06
CA LYS B 385 -8.80 -21.24 -5.15
C LYS B 385 -8.04 -20.26 -6.03
N THR B 386 -7.66 -19.12 -5.46
CA THR B 386 -6.88 -18.07 -6.17
C THR B 386 -5.38 -18.19 -5.82
N PRO B 387 -4.50 -17.64 -6.67
CA PRO B 387 -3.08 -17.71 -6.29
C PRO B 387 -2.54 -16.48 -5.54
N LYS B 388 -1.31 -16.61 -5.04
CA LYS B 388 -0.61 -15.54 -4.37
C LYS B 388 0.33 -14.94 -5.45
N PHE B 389 0.06 -13.71 -5.87
CA PHE B 389 0.85 -13.13 -6.93
C PHE B 389 2.21 -12.51 -6.57
N LYS B 390 3.18 -12.80 -7.43
CA LYS B 390 4.48 -12.19 -7.33
C LYS B 390 4.38 -11.22 -8.48
N LEU B 391 4.05 -9.98 -8.15
CA LEU B 391 3.73 -8.96 -9.14
C LEU B 391 4.89 -8.09 -9.47
N PRO B 392 5.54 -8.29 -10.67
CA PRO B 392 6.68 -7.55 -11.23
C PRO B 392 6.33 -6.06 -11.37
N ILE B 393 6.19 -5.40 -10.21
CA ILE B 393 5.78 -3.99 -10.11
C ILE B 393 6.07 -3.43 -8.69
N GLN B 394 6.06 -2.10 -8.59
CA GLN B 394 6.31 -1.39 -7.34
C GLN B 394 5.02 -1.26 -6.51
N LYS B 395 5.10 -1.71 -5.26
CA LYS B 395 3.98 -1.61 -4.33
C LYS B 395 3.02 -0.40 -4.47
N GLU B 396 3.58 0.76 -4.20
CA GLU B 396 2.82 1.97 -4.21
C GLU B 396 2.06 2.15 -5.50
N THR B 397 2.73 1.92 -6.62
CA THR B 397 2.12 2.15 -7.94
C THR B 397 0.90 1.29 -8.03
N TRP B 398 1.07 0.02 -7.67
CA TRP B 398 -0.01 -0.96 -7.71
C TRP B 398 -1.11 -0.46 -6.78
N GLU B 399 -0.74 -0.25 -5.53
CA GLU B 399 -1.66 0.29 -4.56
C GLU B 399 -2.47 1.48 -5.07
N THR B 400 -1.81 2.51 -5.60
CA THR B 400 -2.48 3.66 -6.20
C THR B 400 -3.50 3.35 -7.28
N TRP B 401 -3.03 2.65 -8.32
CA TRP B 401 -3.81 2.43 -9.53
C TRP B 401 -4.56 1.09 -9.85
N TRP B 402 -4.40 0.05 -9.02
CA TRP B 402 -5.01 -1.26 -9.27
C TRP B 402 -6.53 -1.39 -9.40
N THR B 403 -7.27 -0.31 -9.26
CA THR B 403 -8.74 -0.39 -9.27
C THR B 403 -9.24 0.40 -10.42
N GLU B 404 -8.42 1.32 -10.90
CA GLU B 404 -8.86 2.14 -12.00
C GLU B 404 -9.20 1.20 -13.18
N TYR B 405 -8.70 -0.05 -13.07
CA TYR B 405 -8.91 -1.14 -14.02
C TYR B 405 -9.45 -2.45 -13.39
N TRP B 406 -9.57 -2.54 -12.06
CA TRP B 406 -10.10 -3.76 -11.41
C TRP B 406 -11.61 -3.94 -11.55
N GLN B 407 -12.02 -5.20 -11.66
CA GLN B 407 -13.39 -5.60 -11.93
C GLN B 407 -13.94 -6.87 -11.30
N ALA B 408 -13.10 -7.78 -10.80
CA ALA B 408 -13.56 -8.98 -10.11
C ALA B 408 -14.12 -8.57 -8.76
N THR B 409 -14.96 -9.44 -8.20
CA THR B 409 -15.63 -9.17 -6.94
C THR B 409 -14.69 -9.52 -5.80
N TRP B 410 -13.71 -10.39 -6.09
CA TRP B 410 -12.68 -10.81 -5.14
C TRP B 410 -11.32 -10.15 -5.41
N ILE B 411 -10.38 -10.40 -4.51
CA ILE B 411 -9.02 -9.83 -4.58
C ILE B 411 -8.11 -10.95 -4.08
N PRO B 412 -7.06 -11.30 -4.86
CA PRO B 412 -6.21 -12.39 -4.37
C PRO B 412 -5.10 -11.69 -3.64
N GLU B 413 -4.19 -12.49 -3.10
CA GLU B 413 -3.10 -11.95 -2.31
C GLU B 413 -1.85 -11.66 -3.17
N TRP B 414 -1.14 -10.60 -2.77
CA TRP B 414 0.01 -10.20 -3.54
C TRP B 414 1.24 -9.70 -2.78
N GLU B 415 2.40 -10.08 -3.31
CA GLU B 415 3.69 -9.59 -2.84
C GLU B 415 4.05 -8.72 -4.02
N PHE B 416 5.12 -7.94 -3.88
CA PHE B 416 5.71 -7.21 -4.98
C PHE B 416 7.13 -7.76 -5.24
N VAL B 417 7.44 -8.15 -6.47
CA VAL B 417 8.72 -8.81 -6.70
C VAL B 417 9.57 -8.07 -7.69
N ASN B 418 10.70 -8.70 -8.05
CA ASN B 418 11.68 -8.20 -9.00
C ASN B 418 12.16 -9.27 -9.96
N THR B 419 11.43 -9.44 -11.06
CA THR B 419 11.73 -10.44 -12.06
C THR B 419 13.24 -10.67 -12.32
N PRO B 420 13.69 -11.95 -12.23
CA PRO B 420 15.06 -12.28 -12.61
C PRO B 420 15.05 -12.19 -14.13
N PRO B 421 15.97 -11.37 -14.69
CA PRO B 421 16.25 -10.98 -16.08
C PRO B 421 16.23 -12.18 -17.06
N LEU B 422 16.59 -13.34 -16.54
CA LEU B 422 16.64 -14.55 -17.34
C LEU B 422 15.34 -15.36 -17.24
N VAL B 423 14.67 -15.26 -16.09
CA VAL B 423 13.42 -15.95 -15.96
C VAL B 423 12.39 -15.37 -16.94
N LYS B 424 12.47 -14.06 -17.15
CA LYS B 424 11.54 -13.49 -18.10
C LYS B 424 11.85 -14.13 -19.46
N LEU B 425 13.08 -14.62 -19.57
CA LEU B 425 13.64 -15.12 -20.83
C LEU B 425 13.19 -16.41 -21.41
N TRP B 426 13.32 -17.50 -20.64
CA TRP B 426 12.92 -18.86 -21.02
C TRP B 426 11.47 -18.87 -21.41
N TYR B 427 10.69 -18.23 -20.56
CA TYR B 427 9.29 -18.16 -20.76
C TYR B 427 8.89 -17.27 -21.91
N GLN B 428 9.83 -16.45 -22.40
CA GLN B 428 9.56 -15.56 -23.55
C GLN B 428 9.10 -16.39 -24.75
N LEU B 429 7.92 -16.05 -25.27
CA LEU B 429 7.32 -16.79 -26.39
C LEU B 429 7.55 -16.11 -27.74
N GLU B 430 8.71 -16.18 -28.23
C1 I15 C . -10.03 27.51 6.18
C2 I15 C . -9.18 27.97 7.20
C3 I15 C . -9.74 27.77 4.82
C4 I15 C . -11.26 26.71 6.21
O5 I15 C . -9.51 27.67 8.51
C6 I15 C . -8.02 28.75 6.94
N7 I15 C . -10.79 27.12 4.13
C8 I15 C . -8.63 28.51 4.55
N9 I15 C . -11.72 26.49 4.95
C10 I15 C . -11.85 26.20 7.44
C11 I15 C . -8.68 26.90 9.33
C12 I15 C . -7.75 29.01 5.55
C13 I15 C . -8.52 25.56 9.02
C14 I15 C . -8.09 27.44 10.50
C15 I15 C . -7.77 24.73 9.79
C16 I15 C . -7.33 26.54 11.26
C17 I15 C . -7.11 25.22 10.91
C18 I15 C . -7.59 23.41 9.31
C19 I15 C . -6.77 27.00 12.45
N23 I15 C . -6.30 27.37 13.42
F1 I15 C . -7.20 29.21 8.03
N1 I15 C . -7.45 22.37 8.94
#